data_8RYP
#
_entry.id   8RYP
#
_cell.length_a   208.120
_cell.length_b   45.710
_cell.length_c   121.680
_cell.angle_alpha   90.00
_cell.angle_beta   94.93
_cell.angle_gamma   90.00
#
_symmetry.space_group_name_H-M   'C 1 2 1'
#
loop_
_entity.id
_entity.type
_entity.pdbx_description
1 polymer 'HLA class I histocompatibility antigen, A alpha chain'
2 polymer Beta-2-microglobulin
3 polymer 'ELFSYLIEK peptide'
4 polymer 'TCR alpha'
5 polymer 'TCR beta'
6 non-polymer 1,2-ETHANEDIOL
7 water water
#
loop_
_entity_poly.entity_id
_entity_poly.type
_entity_poly.pdbx_seq_one_letter_code
_entity_poly.pdbx_strand_id
1 'polypeptide(L)'
;GSHSMRYFFTSVSRPGRGEPRFIAVGYVDDTQFVRFDSDAASQRMEPRAPWIEQEGPEYWDQETRNVKAQSQTDRVDLGT
LRGYYNQSEAGSHTIQIMYGCDVGSDGRFLRGYRQDAYDGKDYIALNEDLRSWTAADMAAQITKRKWEAAHEAEQLRAYL
DGTCVEWLRRYLENGKETLQRTDPPKTHMTHHPISDHEATLRCWALGFYPAEITLTWQRDGEDQTQDTELVETRPAGDGT
FQKWAAVVVPSGEEQRYTCHVQHEGLPKPLTLRWEP
;
A
2 'polypeptide(L)'
;MIQRTPKIQVYSRHPAENGKSNFLNCYVSGFHPSDIEVDLLKNGERIEKVEHSDLSFSKDWSFYLLYYTEFTPTEKDEYA
CRVNHVTLSQPKIVKWDRDM
;
B
3 'polypeptide(L)' ELFSYLIEK C
4 'polypeptide(L)'
;MKQEVTQIPAALSVPEGENLVLNCSFTDSAIYNLQWFRQDPGKGLTSLLLIQSSQREQTSGRLNASLDKSSGRSTLYIAA
SQPGDSATYLCAVRQRGSQGNLIFGKGTKLSVKPNIQNPDPAVYQLRDSKSSDKSVCLFTDFDSQTNVSQSKDSDVYITD
KCVLDMRSMDFKSNSAVAWSNKSDFACANAFNNSIIPEDT
;
D
5 'polypeptide(L)'
;MDSGVTQTPKHLITATGQRVTLRCSPRSGDLSVYWYQQSLDQGLQFLIQYYNGEERAKGNILERFSAQQFPDLHSELNLS
SLELGDSALYFCASSPGGGHNEQFFGPGTRLTVLEDLKNVFPPEVAVFEPSEAEISHTQKATLVCLATGFYPDHVELSWW
VNGKEVHSGVCTDPQPLKEQPALNDSRYALSSRLRVSATFWQDPRNHFRCQVQFYGLSENDEWTQDRAKPVTQIVSAEAW
GRAD
;
E
#
loop_
_chem_comp.id
_chem_comp.type
_chem_comp.name
_chem_comp.formula
EDO non-polymer 1,2-ETHANEDIOL 'C2 H6 O2'
#
# COMPACT_ATOMS: atom_id res chain seq x y z
N GLY A 1 -2.44 9.95 36.23
CA GLY A 1 -3.84 10.09 35.73
C GLY A 1 -3.99 9.54 34.32
N SER A 2 -5.00 10.02 33.58
CA SER A 2 -5.31 9.63 32.19
C SER A 2 -4.32 10.32 31.23
N HIS A 3 -4.01 9.69 30.11
CA HIS A 3 -3.07 10.21 29.08
C HIS A 3 -3.65 9.98 27.69
N SER A 4 -3.16 10.72 26.70
CA SER A 4 -3.61 10.68 25.30
C SER A 4 -2.40 10.67 24.36
N MET A 5 -2.54 10.03 23.20
CA MET A 5 -1.67 10.25 22.03
C MET A 5 -2.54 10.73 20.89
N ARG A 6 -2.10 11.77 20.19
CA ARG A 6 -2.88 12.40 19.09
C ARG A 6 -1.93 12.77 17.95
N TYR A 7 -2.33 12.43 16.72
CA TYR A 7 -1.69 12.87 15.47
C TYR A 7 -2.62 13.88 14.80
N PHE A 8 -2.04 15.00 14.35
CA PHE A 8 -2.75 16.09 13.64
C PHE A 8 -2.12 16.21 12.25
N PHE A 9 -2.95 16.25 11.21
CA PHE A 9 -2.52 16.38 9.80
C PHE A 9 -3.27 17.55 9.16
N THR A 10 -2.53 18.45 8.52
CA THR A 10 -3.07 19.58 7.72
C THR A 10 -2.50 19.47 6.30
N SER A 11 -3.39 19.40 5.30
CA SER A 11 -3.08 19.50 3.86
C SER A 11 -3.79 20.73 3.29
N VAL A 12 -3.03 21.66 2.71
CA VAL A 12 -3.53 22.95 2.15
C VAL A 12 -3.12 23.02 0.68
N SER A 13 -4.08 23.04 -0.25
CA SER A 13 -3.81 23.22 -1.70
C SER A 13 -3.36 24.67 -1.94
N ARG A 14 -2.46 24.89 -2.91
CA ARG A 14 -1.93 26.24 -3.22
C ARG A 14 -1.86 26.35 -4.75
N PRO A 15 -3.03 26.57 -5.40
CA PRO A 15 -3.12 26.62 -6.86
C PRO A 15 -2.02 27.50 -7.49
N GLY A 16 -1.30 26.96 -8.47
CA GLY A 16 -0.23 27.65 -9.20
C GLY A 16 0.99 27.96 -8.33
N ARG A 17 1.15 27.25 -7.21
CA ARG A 17 2.31 27.41 -6.28
C ARG A 17 2.75 26.03 -5.77
N GLY A 18 2.73 25.02 -6.65
CA GLY A 18 3.19 23.65 -6.36
C GLY A 18 2.09 22.76 -5.82
N GLU A 19 2.44 21.57 -5.36
CA GLU A 19 1.52 20.57 -4.76
C GLU A 19 1.17 21.01 -3.33
N PRO A 20 0.13 20.40 -2.69
CA PRO A 20 -0.33 20.86 -1.37
C PRO A 20 0.74 20.89 -0.28
N ARG A 21 0.68 21.88 0.59
CA ARG A 21 1.49 21.97 1.83
C ARG A 21 0.92 20.95 2.84
N PHE A 22 1.76 20.06 3.35
CA PHE A 22 1.36 19.02 4.33
C PHE A 22 2.24 19.16 5.59
N ILE A 23 1.59 19.29 6.74
CA ILE A 23 2.26 19.34 8.07
C ILE A 23 1.56 18.32 8.97
N ALA A 24 2.36 17.41 9.55
CA ALA A 24 1.92 16.38 10.51
C ALA A 24 2.64 16.64 11.83
N VAL A 25 1.92 16.56 12.94
CA VAL A 25 2.52 16.64 14.30
C VAL A 25 1.94 15.50 15.15
N GLY A 26 2.76 14.94 16.04
CA GLY A 26 2.37 13.94 17.04
C GLY A 26 2.51 14.51 18.44
N TYR A 27 1.53 14.27 19.30
CA TYR A 27 1.50 14.73 20.71
C TYR A 27 1.26 13.54 21.64
N VAL A 28 1.94 13.53 22.78
CA VAL A 28 1.54 12.79 24.01
C VAL A 28 1.10 13.86 25.02
N ASP A 29 -0.17 13.83 25.43
CA ASP A 29 -0.80 14.90 26.26
C ASP A 29 -0.54 16.24 25.55
N ASP A 30 0.06 17.22 26.24
CA ASP A 30 0.31 18.59 25.71
C ASP A 30 1.76 18.71 25.21
N THR A 31 2.48 17.59 25.08
CA THR A 31 3.91 17.55 24.65
C THR A 31 4.00 17.00 23.22
N GLN A 32 4.52 17.80 22.29
CA GLN A 32 4.75 17.36 20.89
C GLN A 32 6.02 16.49 20.84
N PHE A 33 6.04 15.43 20.03
CA PHE A 33 7.18 14.47 19.99
C PHE A 33 7.66 14.21 18.56
N VAL A 34 6.84 14.41 17.52
CA VAL A 34 7.29 14.26 16.11
C VAL A 34 6.67 15.35 15.24
N ARG A 35 7.33 15.63 14.12
CA ARG A 35 6.77 16.50 13.05
C ARG A 35 7.21 15.97 11.69
N PHE A 36 6.41 16.29 10.67
CA PHE A 36 6.79 16.18 9.25
C PHE A 36 6.28 17.42 8.53
N ASP A 37 7.11 18.04 7.70
CA ASP A 37 6.72 19.17 6.83
C ASP A 37 7.12 18.83 5.40
N SER A 38 6.15 18.74 4.48
CA SER A 38 6.37 18.38 3.05
C SER A 38 7.35 19.36 2.39
N ASP A 39 7.47 20.57 2.94
CA ASP A 39 8.32 21.65 2.36
C ASP A 39 9.75 21.57 2.91
N ALA A 40 9.97 20.84 4.01
CA ALA A 40 11.30 20.74 4.67
C ALA A 40 12.23 19.88 3.83
N ALA A 41 13.53 20.19 3.87
CA ALA A 41 14.60 19.55 3.06
C ALA A 41 14.84 18.09 3.52
N SER A 42 14.65 17.78 4.80
CA SER A 42 14.98 16.46 5.40
C SER A 42 14.16 15.35 4.71
N GLN A 43 12.87 15.61 4.46
CA GLN A 43 11.90 14.60 3.95
C GLN A 43 11.94 13.37 4.89
N ARG A 44 12.05 13.63 6.19
CA ARG A 44 12.01 12.60 7.26
C ARG A 44 11.01 13.06 8.32
N MET A 45 10.30 12.12 8.96
CA MET A 45 9.67 12.36 10.28
C MET A 45 10.82 12.77 11.22
N GLU A 46 10.64 13.84 11.99
CA GLU A 46 11.70 14.45 12.81
C GLU A 46 11.30 14.41 14.28
N PRO A 47 12.26 14.20 15.20
CA PRO A 47 11.96 14.21 16.64
C PRO A 47 11.76 15.64 17.16
N ARG A 48 10.84 15.82 18.11
CA ARG A 48 10.54 17.13 18.74
C ARG A 48 10.49 17.01 20.27
N ALA A 49 10.77 15.82 20.81
CA ALA A 49 10.94 15.57 22.27
C ALA A 49 12.15 14.66 22.46
N PRO A 50 12.96 14.87 23.53
CA PRO A 50 14.18 14.09 23.73
C PRO A 50 13.95 12.56 23.77
N TRP A 51 12.83 12.13 24.38
CA TRP A 51 12.54 10.72 24.71
C TRP A 51 12.16 9.91 23.46
N ILE A 52 11.82 10.56 22.33
CA ILE A 52 11.54 9.80 21.07
C ILE A 52 12.87 9.45 20.38
N GLU A 53 13.96 10.16 20.70
CA GLU A 53 15.28 9.97 20.03
C GLU A 53 15.83 8.56 20.31
N GLN A 54 15.30 7.85 21.30
CA GLN A 54 15.78 6.47 21.66
C GLN A 54 15.06 5.40 20.82
N GLU A 55 14.18 5.79 19.89
CA GLU A 55 13.62 4.85 18.89
C GLU A 55 14.66 4.59 17.79
N GLY A 56 14.76 3.34 17.32
CA GLY A 56 15.79 2.89 16.36
C GLY A 56 15.54 3.36 14.93
N PRO A 57 16.48 3.10 13.99
CA PRO A 57 16.33 3.51 12.60
C PRO A 57 15.07 2.97 11.91
N GLU A 58 14.64 1.75 12.24
CA GLU A 58 13.42 1.13 11.65
C GLU A 58 12.19 1.97 12.01
N TYR A 59 12.16 2.58 13.20
CA TYR A 59 11.06 3.48 13.63
C TYR A 59 10.99 4.69 12.69
N TRP A 60 12.11 5.37 12.48
CA TRP A 60 12.18 6.61 11.65
C TRP A 60 11.89 6.27 10.18
N ASP A 61 12.35 5.12 9.69
CA ASP A 61 12.08 4.63 8.30
C ASP A 61 10.57 4.44 8.13
N GLN A 62 9.93 3.71 9.05
CA GLN A 62 8.48 3.39 8.94
C GLN A 62 7.65 4.66 9.10
N GLU A 63 8.00 5.53 10.06
CA GLU A 63 7.22 6.77 10.33
C GLU A 63 7.32 7.71 9.13
N THR A 64 8.50 7.83 8.52
CA THR A 64 8.74 8.65 7.32
C THR A 64 7.90 8.11 6.15
N ARG A 65 7.95 6.80 5.91
CA ARG A 65 7.17 6.13 4.83
CA ARG A 65 7.17 6.14 4.83
C ARG A 65 5.67 6.39 5.04
N ASN A 66 5.19 6.17 6.26
CA ASN A 66 3.74 6.19 6.58
C ASN A 66 3.22 7.62 6.63
N VAL A 67 4.04 8.60 7.03
CA VAL A 67 3.61 10.03 7.06
C VAL A 67 3.56 10.55 5.62
N LYS A 68 4.52 10.17 4.77
CA LYS A 68 4.53 10.55 3.34
C LYS A 68 3.30 9.94 2.64
N ALA A 69 2.99 8.67 2.94
CA ALA A 69 1.82 7.95 2.38
C ALA A 69 0.53 8.69 2.76
N GLN A 70 0.39 9.10 4.03
CA GLN A 70 -0.77 9.88 4.53
C GLN A 70 -0.91 11.16 3.69
N SER A 71 0.18 11.88 3.45
CA SER A 71 0.19 13.15 2.66
C SER A 71 -0.27 12.87 1.21
N GLN A 72 0.17 11.75 0.64
CA GLN A 72 -0.16 11.32 -0.75
C GLN A 72 -1.66 11.09 -0.88
N THR A 73 -2.26 10.34 0.05
CA THR A 73 -3.71 10.03 0.07
C THR A 73 -4.50 11.32 0.27
N ASP A 74 -4.08 12.19 1.20
CA ASP A 74 -4.76 13.47 1.49
C ASP A 74 -4.68 14.38 0.26
N ARG A 75 -3.59 14.32 -0.51
CA ARG A 75 -3.42 15.06 -1.79
C ARG A 75 -4.50 14.60 -2.78
N VAL A 76 -4.69 13.30 -2.93
CA VAL A 76 -5.75 12.71 -3.80
C VAL A 76 -7.13 13.16 -3.28
N ASP A 77 -7.33 13.13 -1.96
CA ASP A 77 -8.63 13.46 -1.30
C ASP A 77 -9.00 14.94 -1.55
N LEU A 78 -8.02 15.85 -1.58
CA LEU A 78 -8.28 17.29 -1.88
C LEU A 78 -8.95 17.40 -3.26
N GLY A 79 -8.43 16.67 -4.25
CA GLY A 79 -8.99 16.59 -5.61
C GLY A 79 -10.41 16.06 -5.60
N THR A 80 -10.65 14.97 -4.85
CA THR A 80 -11.97 14.28 -4.79
C THR A 80 -13.01 15.19 -4.14
N LEU A 81 -12.70 15.81 -3.00
CA LEU A 81 -13.66 16.66 -2.23
C LEU A 81 -13.96 17.95 -3.02
N ARG A 82 -12.96 18.50 -3.72
CA ARG A 82 -13.13 19.64 -4.66
C ARG A 82 -14.20 19.25 -5.70
N GLY A 83 -14.15 18.00 -6.18
CA GLY A 83 -15.17 17.43 -7.09
C GLY A 83 -16.53 17.34 -6.42
N TYR A 84 -16.58 16.80 -5.20
CA TYR A 84 -17.83 16.57 -4.43
C TYR A 84 -18.58 17.88 -4.18
N TYR A 85 -17.85 18.99 -3.96
CA TYR A 85 -18.41 20.31 -3.59
C TYR A 85 -18.49 21.25 -4.81
N ASN A 86 -18.18 20.75 -6.02
CA ASN A 86 -18.22 21.51 -7.30
C ASN A 86 -17.44 22.83 -7.14
N GLN A 87 -16.18 22.75 -6.71
CA GLN A 87 -15.32 23.94 -6.45
C GLN A 87 -14.27 24.06 -7.55
N SER A 88 -13.85 25.30 -7.84
CA SER A 88 -12.81 25.64 -8.84
C SER A 88 -11.45 25.13 -8.35
N GLU A 89 -10.57 24.76 -9.30
CA GLU A 89 -9.15 24.43 -9.06
C GLU A 89 -8.39 25.70 -8.65
N ALA A 90 -8.95 26.88 -8.91
CA ALA A 90 -8.35 28.21 -8.65
C ALA A 90 -8.36 28.54 -7.14
N GLY A 91 -9.22 27.85 -6.35
CA GLY A 91 -9.38 28.10 -4.90
C GLY A 91 -8.59 27.13 -4.04
N SER A 92 -7.96 27.63 -2.97
CA SER A 92 -7.25 26.83 -1.94
C SER A 92 -8.28 26.17 -1.02
N HIS A 93 -8.05 24.91 -0.65
CA HIS A 93 -8.88 24.15 0.31
C HIS A 93 -7.98 23.39 1.28
N THR A 94 -8.54 23.05 2.44
CA THR A 94 -7.80 22.48 3.59
C THR A 94 -8.50 21.21 4.06
N ILE A 95 -7.76 20.10 4.13
CA ILE A 95 -8.17 18.87 4.86
C ILE A 95 -7.40 18.84 6.17
N GLN A 96 -8.11 18.69 7.28
CA GLN A 96 -7.50 18.43 8.62
C GLN A 96 -7.99 17.08 9.13
N ILE A 97 -7.08 16.34 9.75
CA ILE A 97 -7.34 14.99 10.34
C ILE A 97 -6.71 14.96 11.74
N MET A 98 -7.44 14.43 12.70
CA MET A 98 -6.93 14.10 14.06
C MET A 98 -7.37 12.68 14.38
N TYR A 99 -6.46 11.83 14.84
CA TYR A 99 -6.78 10.50 15.41
C TYR A 99 -5.82 10.23 16.57
N GLY A 100 -6.23 9.34 17.46
CA GLY A 100 -5.47 9.03 18.69
C GLY A 100 -6.28 8.22 19.66
N CYS A 101 -5.68 7.94 20.82
CA CYS A 101 -6.27 7.07 21.87
C CYS A 101 -6.01 7.70 23.24
N ASP A 102 -6.91 7.44 24.18
CA ASP A 102 -6.78 7.81 25.62
C ASP A 102 -6.58 6.51 26.40
N VAL A 103 -5.75 6.54 27.44
CA VAL A 103 -5.59 5.43 28.43
C VAL A 103 -5.83 6.02 29.82
N GLY A 104 -6.28 5.19 30.76
CA GLY A 104 -6.42 5.54 32.18
C GLY A 104 -5.10 5.42 32.92
N SER A 105 -5.11 5.62 34.24
CA SER A 105 -3.93 5.52 35.14
C SER A 105 -3.27 4.15 34.99
N ASP A 106 -4.08 3.09 34.82
CA ASP A 106 -3.64 1.67 34.72
C ASP A 106 -3.04 1.38 33.33
N GLY A 107 -3.11 2.35 32.41
CA GLY A 107 -2.54 2.24 31.05
C GLY A 107 -3.44 1.44 30.11
N ARG A 108 -4.68 1.15 30.52
CA ARG A 108 -5.66 0.38 29.72
C ARG A 108 -6.44 1.36 28.82
N PHE A 109 -6.86 0.88 27.64
CA PHE A 109 -7.65 1.65 26.64
C PHE A 109 -8.86 2.29 27.32
N LEU A 110 -9.04 3.60 27.12
CA LEU A 110 -10.18 4.40 27.66
C LEU A 110 -11.13 4.73 26.50
N ARG A 111 -10.61 5.31 25.42
CA ARG A 111 -11.40 5.61 24.20
C ARG A 111 -10.45 5.87 23.01
N GLY A 112 -10.97 5.66 21.80
CA GLY A 112 -10.29 5.99 20.53
C GLY A 112 -11.13 6.94 19.72
N TYR A 113 -10.52 7.67 18.79
CA TYR A 113 -11.22 8.69 17.98
C TYR A 113 -10.49 8.93 16.65
N ARG A 114 -11.26 9.26 15.62
CA ARG A 114 -10.75 9.87 14.37
C ARG A 114 -11.80 10.87 13.88
N GLN A 115 -11.37 12.09 13.61
CA GLN A 115 -12.23 13.19 13.12
C GLN A 115 -11.56 13.79 11.88
N ASP A 116 -12.33 14.02 10.82
CA ASP A 116 -11.84 14.59 9.54
C ASP A 116 -12.65 15.84 9.23
N ALA A 117 -11.98 16.89 8.78
CA ALA A 117 -12.57 18.20 8.43
C ALA A 117 -12.24 18.54 6.98
N TYR A 118 -13.05 19.41 6.38
CA TYR A 118 -12.79 20.08 5.08
C TYR A 118 -13.09 21.56 5.27
N ASP A 119 -12.11 22.42 4.99
CA ASP A 119 -12.21 23.90 5.09
C ASP A 119 -12.73 24.28 6.49
N GLY A 120 -12.24 23.59 7.52
CA GLY A 120 -12.43 23.97 8.94
C GLY A 120 -13.77 23.55 9.51
N LYS A 121 -14.53 22.70 8.81
CA LYS A 121 -15.84 22.17 9.28
C LYS A 121 -15.79 20.64 9.32
N ASP A 122 -16.50 20.02 10.27
CA ASP A 122 -16.67 18.54 10.38
C ASP A 122 -17.03 17.98 9.00
N TYR A 123 -16.32 16.94 8.57
CA TYR A 123 -16.61 16.18 7.32
C TYR A 123 -17.10 14.78 7.68
N ILE A 124 -16.23 13.94 8.25
CA ILE A 124 -16.58 12.58 8.74
C ILE A 124 -15.84 12.30 10.05
N ALA A 125 -16.49 11.62 10.99
CA ALA A 125 -15.93 11.26 12.31
C ALA A 125 -16.31 9.82 12.64
N LEU A 126 -15.36 9.04 13.16
CA LEU A 126 -15.61 7.70 13.74
C LEU A 126 -16.41 7.90 15.03
N ASN A 127 -17.49 7.14 15.22
CA ASN A 127 -18.33 7.22 16.44
C ASN A 127 -17.56 6.57 17.60
N GLU A 128 -18.02 6.77 18.84
CA GLU A 128 -17.32 6.32 20.07
C GLU A 128 -17.20 4.79 20.09
N ASP A 129 -18.15 4.08 19.47
CA ASP A 129 -18.20 2.60 19.42
C ASP A 129 -17.11 2.05 18.48
N LEU A 130 -16.45 2.92 17.70
CA LEU A 130 -15.36 2.58 16.75
C LEU A 130 -15.86 1.59 15.68
N ARG A 131 -17.17 1.55 15.45
CA ARG A 131 -17.84 0.57 14.53
C ARG A 131 -18.55 1.30 13.39
N SER A 132 -18.93 2.57 13.57
CA SER A 132 -19.80 3.34 12.64
C SER A 132 -19.28 4.77 12.46
N TRP A 133 -19.72 5.45 11.41
CA TRP A 133 -19.28 6.82 11.01
C TRP A 133 -20.45 7.80 11.13
N THR A 134 -20.15 9.06 11.48
CA THR A 134 -21.06 10.23 11.34
C THR A 134 -20.56 11.09 10.19
N ALA A 135 -21.33 11.18 9.10
CA ALA A 135 -21.06 12.03 7.92
C ALA A 135 -21.85 13.34 8.07
N ALA A 136 -21.17 14.49 7.88
CA ALA A 136 -21.73 15.85 8.14
C ALA A 136 -22.70 16.27 7.03
N ASP A 137 -22.49 15.80 5.79
CA ASP A 137 -23.27 16.23 4.60
C ASP A 137 -23.27 15.10 3.56
N MET A 138 -23.89 15.34 2.39
CA MET A 138 -24.09 14.31 1.33
C MET A 138 -22.75 13.93 0.68
N ALA A 139 -21.78 14.84 0.64
CA ALA A 139 -20.40 14.56 0.16
C ALA A 139 -19.75 13.52 1.08
N ALA A 140 -19.83 13.72 2.40
CA ALA A 140 -19.24 12.84 3.43
C ALA A 140 -19.92 11.47 3.41
N GLN A 141 -21.18 11.38 2.97
CA GLN A 141 -21.95 10.11 2.86
C GLN A 141 -21.31 9.21 1.79
N ILE A 142 -20.72 9.79 0.75
CA ILE A 142 -20.00 9.02 -0.33
C ILE A 142 -18.73 8.42 0.29
N THR A 143 -17.96 9.23 1.02
CA THR A 143 -16.76 8.80 1.77
C THR A 143 -17.15 7.67 2.73
N LYS A 144 -18.27 7.81 3.42
CA LYS A 144 -18.77 6.83 4.43
C LYS A 144 -18.95 5.45 3.75
N ARG A 145 -19.60 5.42 2.59
CA ARG A 145 -19.86 4.17 1.82
C ARG A 145 -18.53 3.54 1.38
N LYS A 146 -17.59 4.35 0.89
CA LYS A 146 -16.23 3.91 0.48
C LYS A 146 -15.51 3.27 1.67
N TRP A 147 -15.61 3.91 2.85
CA TRP A 147 -14.87 3.52 4.08
C TRP A 147 -15.50 2.25 4.68
N GLU A 148 -16.83 2.11 4.59
CA GLU A 148 -17.56 0.88 5.02
C GLU A 148 -17.12 -0.31 4.14
N ALA A 149 -17.03 -0.11 2.83
CA ALA A 149 -16.66 -1.15 1.83
C ALA A 149 -15.23 -1.65 2.09
N ALA A 150 -14.31 -0.76 2.46
CA ALA A 150 -12.86 -1.04 2.63
C ALA A 150 -12.54 -1.41 4.08
N HIS A 151 -13.56 -1.56 4.95
CA HIS A 151 -13.43 -1.97 6.37
C HIS A 151 -12.49 -1.01 7.11
N GLU A 152 -12.61 0.29 6.84
CA GLU A 152 -11.78 1.36 7.48
C GLU A 152 -11.97 1.32 8.99
N ALA A 153 -13.23 1.24 9.46
CA ALA A 153 -13.60 1.23 10.89
C ALA A 153 -12.93 0.05 11.60
N GLU A 154 -13.02 -1.15 11.04
CA GLU A 154 -12.49 -2.41 11.64
C GLU A 154 -10.97 -2.29 11.81
N GLN A 155 -10.25 -1.81 10.79
CA GLN A 155 -8.77 -1.70 10.79
C GLN A 155 -8.35 -0.58 11.75
N LEU A 156 -9.06 0.55 11.71
CA LEU A 156 -8.81 1.73 12.57
C LEU A 156 -9.04 1.33 14.04
N ARG A 157 -10.09 0.56 14.32
CA ARG A 157 -10.42 0.08 15.69
C ARG A 157 -9.26 -0.76 16.24
N ALA A 158 -8.73 -1.69 15.44
CA ALA A 158 -7.59 -2.57 15.80
C ALA A 158 -6.37 -1.71 16.13
N TYR A 159 -6.13 -0.64 15.36
CA TYR A 159 -5.03 0.33 15.59
C TYR A 159 -5.26 1.08 16.91
N LEU A 160 -6.46 1.65 17.09
CA LEU A 160 -6.79 2.60 18.21
C LEU A 160 -6.78 1.87 19.56
N ASP A 161 -7.31 0.64 19.63
CA ASP A 161 -7.44 -0.12 20.89
C ASP A 161 -6.24 -1.05 21.09
N GLY A 162 -5.30 -1.08 20.13
CA GLY A 162 -4.11 -1.96 20.13
C GLY A 162 -2.82 -1.16 19.98
N THR A 163 -2.34 -1.01 18.74
CA THR A 163 -1.08 -0.32 18.36
C THR A 163 -0.96 1.03 19.09
N CYS A 164 -2.01 1.85 19.02
CA CYS A 164 -2.04 3.23 19.57
C CYS A 164 -1.74 3.18 21.08
N VAL A 165 -2.47 2.35 21.82
CA VAL A 165 -2.36 2.20 23.31
C VAL A 165 -0.97 1.64 23.65
N GLU A 166 -0.48 0.67 22.86
CA GLU A 166 0.81 -0.02 23.09
C GLU A 166 1.96 0.99 22.96
N TRP A 167 1.94 1.84 21.92
CA TRP A 167 3.01 2.85 21.67
C TRP A 167 2.88 4.02 22.66
N LEU A 168 1.65 4.40 23.05
CA LEU A 168 1.41 5.43 24.09
C LEU A 168 2.04 4.97 25.41
N ARG A 169 1.72 3.75 25.85
CA ARG A 169 2.34 3.11 27.04
C ARG A 169 3.86 3.25 26.97
N ARG A 170 4.44 2.87 25.82
CA ARG A 170 5.90 2.87 25.53
C ARG A 170 6.46 4.29 25.68
N TYR A 171 5.80 5.28 25.09
CA TYR A 171 6.24 6.70 25.12
C TYR A 171 6.19 7.24 26.55
N LEU A 172 5.12 6.94 27.29
CA LEU A 172 4.92 7.39 28.69
C LEU A 172 6.03 6.86 29.59
N GLU A 173 6.50 5.63 29.34
CA GLU A 173 7.59 5.00 30.12
C GLU A 173 8.92 5.66 29.74
N ASN A 174 9.24 5.75 28.45
CA ASN A 174 10.52 6.30 27.94
C ASN A 174 10.65 7.77 28.35
N GLY A 175 9.55 8.54 28.27
CA GLY A 175 9.53 9.99 28.59
C GLY A 175 9.01 10.30 29.99
N LYS A 176 8.96 9.31 30.89
CA LYS A 176 8.24 9.41 32.18
C LYS A 176 8.80 10.57 33.01
N GLU A 177 10.10 10.84 32.91
CA GLU A 177 10.79 11.92 33.68
C GLU A 177 10.12 13.26 33.41
N THR A 178 9.60 13.48 32.20
CA THR A 178 8.99 14.76 31.75
C THR A 178 7.47 14.61 31.60
N LEU A 179 6.98 13.52 30.98
CA LEU A 179 5.54 13.33 30.64
C LEU A 179 4.70 13.12 31.90
N GLN A 180 5.19 12.34 32.87
CA GLN A 180 4.43 12.00 34.11
C GLN A 180 4.78 12.97 35.23
N ARG A 181 5.27 14.17 34.89
CA ARG A 181 5.50 15.30 35.84
C ARG A 181 4.24 16.17 35.87
N THR A 182 3.96 16.80 37.01
CA THR A 182 2.91 17.84 37.16
C THR A 182 3.55 19.07 37.82
N ASP A 183 3.80 20.12 37.02
CA ASP A 183 4.29 21.44 37.50
C ASP A 183 3.07 22.26 37.91
N PRO A 184 2.89 22.57 39.21
CA PRO A 184 1.76 23.37 39.65
C PRO A 184 1.92 24.83 39.23
N PRO A 185 0.83 25.61 39.11
CA PRO A 185 0.93 27.03 38.76
C PRO A 185 1.59 27.83 39.89
N LYS A 186 2.62 28.62 39.55
CA LYS A 186 3.15 29.71 40.39
C LYS A 186 2.21 30.90 40.22
N THR A 187 1.55 31.32 41.31
CA THR A 187 0.40 32.27 41.28
C THR A 187 0.77 33.56 42.02
N HIS A 188 0.35 34.70 41.46
CA HIS A 188 0.43 36.04 42.10
C HIS A 188 -0.69 36.92 41.53
N MET A 189 -0.94 38.05 42.20
CA MET A 189 -1.98 39.05 41.82
C MET A 189 -1.30 40.41 41.64
N THR A 190 -1.68 41.16 40.60
CA THR A 190 -1.17 42.52 40.30
C THR A 190 -2.34 43.52 40.31
N HIS A 191 -2.05 44.78 40.63
CA HIS A 191 -3.03 45.90 40.74
C HIS A 191 -2.63 47.00 39.76
N HIS A 192 -3.53 47.37 38.84
CA HIS A 192 -3.31 48.40 37.79
C HIS A 192 -4.42 49.45 37.86
N PRO A 193 -4.15 50.64 38.42
CA PRO A 193 -5.12 51.74 38.41
C PRO A 193 -5.55 52.13 36.98
N ILE A 194 -6.86 52.27 36.75
CA ILE A 194 -7.45 52.78 35.47
C ILE A 194 -7.71 54.28 35.63
N SER A 195 -8.44 54.65 36.68
CA SER A 195 -8.81 56.04 37.03
C SER A 195 -8.75 56.20 38.56
N ASP A 196 -9.38 57.24 39.11
CA ASP A 196 -9.43 57.52 40.58
C ASP A 196 -10.46 56.58 41.24
N HIS A 197 -11.43 56.07 40.48
CA HIS A 197 -12.59 55.30 40.98
C HIS A 197 -12.63 53.88 40.38
N GLU A 198 -11.56 53.42 39.72
CA GLU A 198 -11.48 52.07 39.11
C GLU A 198 -10.04 51.57 39.09
N ALA A 199 -9.86 50.25 39.14
CA ALA A 199 -8.56 49.54 39.06
C ALA A 199 -8.78 48.12 38.53
N THR A 200 -7.76 47.55 37.88
CA THR A 200 -7.74 46.15 37.38
C THR A 200 -6.99 45.27 38.38
N LEU A 201 -7.66 44.22 38.87
CA LEU A 201 -7.01 43.08 39.56
C LEU A 201 -6.77 41.97 38.54
N ARG A 202 -5.50 41.60 38.30
CA ARG A 202 -5.11 40.52 37.37
C ARG A 202 -4.51 39.37 38.18
N CYS A 203 -5.15 38.19 38.12
CA CYS A 203 -4.73 36.94 38.79
C CYS A 203 -3.91 36.09 37.80
N TRP A 204 -2.66 35.77 38.16
CA TRP A 204 -1.67 35.10 37.29
C TRP A 204 -1.48 33.63 37.68
N ALA A 205 -1.40 32.75 36.69
CA ALA A 205 -0.91 31.36 36.81
C ALA A 205 0.21 31.15 35.78
N LEU A 206 1.42 30.84 36.23
CA LEU A 206 2.64 30.73 35.39
C LEU A 206 3.33 29.38 35.62
N GLY A 207 4.02 28.88 34.59
CA GLY A 207 4.96 27.74 34.66
C GLY A 207 4.29 26.43 35.04
N PHE A 208 3.05 26.20 34.58
CA PHE A 208 2.26 25.00 34.95
C PHE A 208 2.19 24.01 33.77
N TYR A 209 2.07 22.72 34.11
CA TYR A 209 1.88 21.58 33.19
C TYR A 209 1.12 20.49 33.93
N PRO A 210 0.09 19.84 33.35
CA PRO A 210 -0.35 20.10 31.97
C PRO A 210 -1.12 21.41 31.80
N ALA A 211 -1.63 21.67 30.59
CA ALA A 211 -2.25 22.96 30.16
C ALA A 211 -3.57 23.19 30.89
N GLU A 212 -4.32 22.13 31.20
CA GLU A 212 -5.68 22.19 31.81
C GLU A 212 -5.61 22.95 33.14
N ILE A 213 -6.34 24.06 33.26
CA ILE A 213 -6.39 24.91 34.48
C ILE A 213 -7.72 25.69 34.48
N THR A 214 -8.23 26.03 35.67
CA THR A 214 -9.44 26.86 35.87
C THR A 214 -9.08 28.08 36.74
N LEU A 215 -9.26 29.28 36.18
CA LEU A 215 -9.15 30.59 36.89
C LEU A 215 -10.54 31.23 36.93
N THR A 216 -11.07 31.50 38.12
CA THR A 216 -12.40 32.13 38.32
C THR A 216 -12.30 33.21 39.40
N TRP A 217 -13.01 34.31 39.22
CA TRP A 217 -13.12 35.45 40.19
C TRP A 217 -14.45 35.33 40.94
N GLN A 218 -14.41 35.51 42.27
CA GLN A 218 -15.61 35.64 43.14
C GLN A 218 -15.59 37.01 43.80
N ARG A 219 -16.76 37.62 43.99
CA ARG A 219 -16.96 38.85 44.80
C ARG A 219 -17.95 38.53 45.93
N ASP A 220 -17.50 38.64 47.18
CA ASP A 220 -18.26 38.25 48.40
C ASP A 220 -18.65 36.77 48.31
N GLY A 221 -17.74 35.93 47.77
CA GLY A 221 -17.90 34.47 47.65
C GLY A 221 -18.93 34.08 46.58
N GLU A 222 -19.19 34.98 45.63
CA GLU A 222 -20.18 34.78 44.53
C GLU A 222 -19.47 34.92 43.18
N ASP A 223 -19.59 33.91 42.31
CA ASP A 223 -18.91 33.82 40.99
C ASP A 223 -19.18 35.09 40.18
N GLN A 224 -18.13 35.69 39.63
CA GLN A 224 -18.16 36.95 38.82
C GLN A 224 -17.75 36.63 37.38
N THR A 225 -18.65 36.00 36.62
CA THR A 225 -18.43 35.62 35.19
C THR A 225 -18.41 36.90 34.34
N GLN A 226 -19.23 37.90 34.71
CA GLN A 226 -19.33 39.22 34.03
C GLN A 226 -18.42 40.22 34.72
N ASP A 227 -17.90 41.20 33.97
CA ASP A 227 -16.90 42.21 34.38
C ASP A 227 -15.53 41.54 34.50
N THR A 228 -15.36 40.37 33.87
CA THR A 228 -14.11 39.55 33.89
C THR A 228 -13.54 39.45 32.47
N GLU A 229 -12.21 39.50 32.34
CA GLU A 229 -11.47 39.17 31.10
C GLU A 229 -10.59 37.94 31.38
N LEU A 230 -10.81 36.86 30.63
CA LEU A 230 -10.06 35.57 30.73
C LEU A 230 -9.36 35.31 29.40
N VAL A 231 -8.03 35.44 29.35
CA VAL A 231 -7.22 35.16 28.12
C VAL A 231 -7.09 33.64 27.97
N GLU A 232 -6.94 33.18 26.72
CA GLU A 232 -6.68 31.76 26.37
C GLU A 232 -5.38 31.32 27.04
N THR A 233 -5.34 30.07 27.53
CA THR A 233 -4.10 29.42 28.03
C THR A 233 -3.07 29.45 26.90
N ARG A 234 -1.86 29.92 27.20
CA ARG A 234 -0.79 30.18 26.20
C ARG A 234 0.47 29.44 26.60
N PRO A 235 1.27 28.96 25.61
CA PRO A 235 2.55 28.30 25.89
C PRO A 235 3.66 29.30 26.24
N ALA A 236 4.44 29.00 27.29
CA ALA A 236 5.62 29.79 27.72
C ALA A 236 6.75 29.58 26.71
N GLY A 237 6.79 28.41 26.06
CA GLY A 237 7.81 28.03 25.07
C GLY A 237 8.86 27.10 25.63
N ASP A 238 8.79 26.81 26.94
CA ASP A 238 9.73 25.91 27.68
C ASP A 238 9.01 24.62 28.09
N GLY A 239 7.82 24.36 27.54
CA GLY A 239 7.00 23.18 27.85
C GLY A 239 6.01 23.42 28.99
N THR A 240 5.94 24.65 29.52
CA THR A 240 4.94 25.06 30.56
C THR A 240 3.93 26.03 29.94
N PHE A 241 2.87 26.34 30.68
CA PHE A 241 1.73 27.17 30.20
C PHE A 241 1.51 28.35 31.15
N GLN A 242 0.85 29.38 30.61
CA GLN A 242 0.52 30.63 31.33
C GLN A 242 -0.96 30.94 31.12
N LYS A 243 -1.61 31.54 32.11
CA LYS A 243 -2.99 32.07 31.99
C LYS A 243 -3.16 33.20 33.00
N TRP A 244 -4.05 34.15 32.70
CA TRP A 244 -4.51 35.15 33.70
C TRP A 244 -5.98 35.48 33.49
N ALA A 245 -6.63 35.87 34.58
CA ALA A 245 -8.01 36.38 34.66
C ALA A 245 -7.97 37.76 35.33
N ALA A 246 -8.77 38.72 34.85
CA ALA A 246 -8.78 40.12 35.32
C ALA A 246 -10.22 40.54 35.64
N VAL A 247 -10.38 41.41 36.65
CA VAL A 247 -11.68 42.05 37.03
C VAL A 247 -11.45 43.56 37.18
N VAL A 248 -12.43 44.36 36.73
CA VAL A 248 -12.48 45.84 36.92
C VAL A 248 -13.26 46.09 38.21
N VAL A 249 -12.58 46.57 39.26
CA VAL A 249 -13.14 46.70 40.64
C VAL A 249 -13.19 48.20 41.01
N PRO A 250 -14.19 48.64 41.80
CA PRO A 250 -14.20 50.00 42.33
C PRO A 250 -13.05 50.23 43.31
N SER A 251 -12.48 51.44 43.32
CA SER A 251 -11.34 51.85 44.19
C SER A 251 -11.73 51.68 45.67
N GLY A 252 -11.01 50.80 46.38
CA GLY A 252 -11.19 50.55 47.82
C GLY A 252 -12.06 49.33 48.10
N GLU A 253 -12.40 48.55 47.08
CA GLU A 253 -13.26 47.33 47.20
C GLU A 253 -12.46 46.08 46.79
N GLU A 254 -11.12 46.16 46.82
CA GLU A 254 -10.20 45.09 46.33
C GLU A 254 -10.34 43.84 47.20
N GLN A 255 -10.61 44.01 48.50
CA GLN A 255 -10.66 42.90 49.51
C GLN A 255 -11.94 42.09 49.34
N ARG A 256 -12.92 42.58 48.58
CA ARG A 256 -14.20 41.87 48.28
C ARG A 256 -13.95 40.74 47.28
N TYR A 257 -12.94 40.87 46.42
CA TYR A 257 -12.66 39.96 45.28
C TYR A 257 -11.60 38.92 45.67
N THR A 258 -11.87 37.66 45.33
CA THR A 258 -10.94 36.50 45.47
C THR A 258 -10.78 35.81 44.12
N CYS A 259 -9.56 35.36 43.81
CA CYS A 259 -9.22 34.53 42.63
C CYS A 259 -9.06 33.08 43.06
N HIS A 260 -9.66 32.14 42.33
CA HIS A 260 -9.66 30.68 42.64
C HIS A 260 -8.96 29.93 41.51
N VAL A 261 -7.88 29.22 41.84
CA VAL A 261 -7.00 28.49 40.88
C VAL A 261 -7.13 26.99 41.14
N GLN A 262 -7.57 26.24 40.14
CA GLN A 262 -7.68 24.75 40.16
C GLN A 262 -6.74 24.17 39.11
N HIS A 263 -5.84 23.27 39.53
CA HIS A 263 -4.86 22.57 38.66
C HIS A 263 -4.49 21.22 39.27
N GLU A 264 -4.18 20.24 38.42
CA GLU A 264 -3.80 18.84 38.78
C GLU A 264 -2.69 18.85 39.85
N GLY A 265 -1.71 19.74 39.69
CA GLY A 265 -0.51 19.83 40.55
C GLY A 265 -0.81 20.31 41.95
N LEU A 266 -1.89 21.09 42.13
CA LEU A 266 -2.29 21.67 43.44
C LEU A 266 -2.97 20.61 44.29
N PRO A 267 -2.47 20.33 45.51
CA PRO A 267 -3.16 19.45 46.45
C PRO A 267 -4.64 19.82 46.63
N LYS A 268 -4.91 21.12 46.83
CA LYS A 268 -6.29 21.69 46.96
C LYS A 268 -6.34 23.00 46.18
N PRO A 269 -7.54 23.48 45.78
CA PRO A 269 -7.68 24.75 45.07
C PRO A 269 -7.13 25.94 45.88
N LEU A 270 -6.36 26.82 45.24
CA LEU A 270 -5.74 28.02 45.87
C LEU A 270 -6.73 29.20 45.80
N THR A 271 -6.87 29.95 46.90
CA THR A 271 -7.64 31.20 46.99
C THR A 271 -6.67 32.36 47.19
N LEU A 272 -6.62 33.30 46.24
CA LEU A 272 -5.74 34.50 46.28
C LEU A 272 -6.60 35.75 46.53
N ARG A 273 -6.04 36.72 47.26
CA ARG A 273 -6.67 38.02 47.61
C ARG A 273 -5.60 39.10 47.53
N TRP A 274 -5.96 40.33 47.15
CA TRP A 274 -5.00 41.46 46.99
C TRP A 274 -4.39 41.82 48.35
N GLU A 275 -3.04 41.89 48.40
CA GLU A 275 -2.24 42.20 49.62
C GLU A 275 -1.50 43.52 49.40
N PRO A 276 -2.02 44.66 49.90
CA PRO A 276 -1.32 45.94 49.81
C PRO A 276 0.06 45.91 50.48
N MET B 1 -18.15 29.68 11.03
CA MET B 1 -17.58 30.77 10.20
C MET B 1 -16.46 30.19 9.32
N ILE B 2 -16.56 30.35 8.00
CA ILE B 2 -15.62 29.75 7.01
C ILE B 2 -14.20 30.27 7.27
N GLN B 3 -14.04 31.60 7.44
CA GLN B 3 -12.73 32.25 7.73
C GLN B 3 -12.79 32.92 9.11
N ARG B 4 -11.80 32.63 9.96
CA ARG B 4 -11.72 33.09 11.38
C ARG B 4 -10.44 33.92 11.56
N THR B 5 -10.55 35.07 12.23
CA THR B 5 -9.44 36.05 12.41
C THR B 5 -8.56 35.61 13.57
N PRO B 6 -7.22 35.84 13.52
CA PRO B 6 -6.34 35.44 14.62
C PRO B 6 -6.58 36.22 15.92
N LYS B 7 -6.66 35.49 17.04
CA LYS B 7 -6.41 36.04 18.40
C LYS B 7 -4.90 36.20 18.54
N ILE B 8 -4.44 37.24 19.24
CA ILE B 8 -2.99 37.59 19.36
C ILE B 8 -2.69 37.88 20.84
N GLN B 9 -1.71 37.18 21.41
CA GLN B 9 -1.12 37.49 22.74
C GLN B 9 0.39 37.68 22.57
N VAL B 10 0.92 38.82 23.01
CA VAL B 10 2.38 39.13 23.01
C VAL B 10 2.83 39.20 24.46
N TYR B 11 3.85 38.42 24.83
CA TYR B 11 4.25 38.22 26.24
C TYR B 11 5.67 37.63 26.30
N SER B 12 6.34 37.82 27.44
CA SER B 12 7.67 37.21 27.73
C SER B 12 7.46 35.84 28.37
N ARG B 13 8.40 34.92 28.16
CA ARG B 13 8.39 33.58 28.81
C ARG B 13 8.46 33.73 30.33
N HIS B 14 9.40 34.57 30.81
CA HIS B 14 9.64 34.86 32.25
C HIS B 14 9.25 36.31 32.53
N PRO B 15 8.99 36.70 33.79
CA PRO B 15 8.75 38.10 34.13
C PRO B 15 9.90 38.97 33.60
N ALA B 16 9.56 40.09 32.94
CA ALA B 16 10.53 41.02 32.32
C ALA B 16 11.39 41.67 33.42
N GLU B 17 12.71 41.55 33.29
CA GLU B 17 13.71 42.23 34.15
C GLU B 17 14.72 42.91 33.22
N ASN B 18 14.78 44.24 33.25
CA ASN B 18 15.59 45.06 32.30
C ASN B 18 17.04 44.58 32.34
N GLY B 19 17.61 44.29 31.16
CA GLY B 19 19.01 43.85 30.99
C GLY B 19 19.21 42.37 31.27
N LYS B 20 18.12 41.61 31.44
CA LYS B 20 18.14 40.14 31.70
C LYS B 20 17.59 39.40 30.48
N SER B 21 18.35 38.44 29.95
CA SER B 21 17.98 37.60 28.77
C SER B 21 16.66 36.89 29.04
N ASN B 22 15.78 36.85 28.04
CA ASN B 22 14.38 36.35 28.15
C ASN B 22 13.95 35.84 26.77
N PHE B 23 12.70 35.42 26.60
CA PHE B 23 12.08 35.08 25.31
C PHE B 23 10.81 35.91 25.10
N LEU B 24 10.71 36.57 23.95
CA LEU B 24 9.50 37.30 23.49
C LEU B 24 8.65 36.33 22.67
N ASN B 25 7.38 36.17 23.07
CA ASN B 25 6.41 35.23 22.45
C ASN B 25 5.30 36.02 21.78
N CYS B 26 4.89 35.58 20.60
CA CYS B 26 3.60 35.99 19.97
C CYS B 26 2.80 34.73 19.67
N TYR B 27 1.75 34.49 20.45
CA TYR B 27 0.83 33.34 20.31
C TYR B 27 -0.37 33.78 19.46
N VAL B 28 -0.49 33.21 18.25
CA VAL B 28 -1.64 33.44 17.33
C VAL B 28 -2.49 32.19 17.34
N SER B 29 -3.80 32.33 17.52
CA SER B 29 -4.76 31.21 17.74
C SER B 29 -6.12 31.55 17.14
N GLY B 30 -6.96 30.52 16.95
CA GLY B 30 -8.37 30.68 16.57
C GLY B 30 -8.57 31.11 15.13
N PHE B 31 -7.56 30.93 14.26
CA PHE B 31 -7.60 31.44 12.87
C PHE B 31 -7.80 30.29 11.86
N HIS B 32 -8.32 30.66 10.69
CA HIS B 32 -8.59 29.75 9.53
C HIS B 32 -8.83 30.63 8.31
N PRO B 33 -8.18 30.37 7.15
CA PRO B 33 -7.27 29.22 6.98
C PRO B 33 -5.88 29.45 7.59
N SER B 34 -4.94 28.53 7.34
CA SER B 34 -3.66 28.41 8.09
C SER B 34 -2.63 29.45 7.64
N ASP B 35 -2.71 29.93 6.39
CA ASP B 35 -1.71 30.91 5.86
C ASP B 35 -1.76 32.18 6.72
N ILE B 36 -0.62 32.59 7.27
CA ILE B 36 -0.52 33.76 8.19
C ILE B 36 0.91 34.32 8.14
N GLU B 37 1.05 35.64 8.27
CA GLU B 37 2.37 36.32 8.39
C GLU B 37 2.46 36.89 9.81
N VAL B 38 3.49 36.49 10.56
CA VAL B 38 3.72 36.97 11.95
C VAL B 38 5.16 37.49 12.04
N ASP B 39 5.33 38.75 12.44
CA ASP B 39 6.65 39.37 12.72
C ASP B 39 6.65 39.89 14.15
N LEU B 40 7.79 39.80 14.81
CA LEU B 40 8.07 40.52 16.08
C LEU B 40 8.82 41.79 15.73
N LEU B 41 8.44 42.91 16.34
CA LEU B 41 9.00 44.25 16.06
C LEU B 41 9.75 44.76 17.29
N LYS B 42 10.90 45.39 17.08
CA LYS B 42 11.66 46.13 18.10
C LYS B 42 11.77 47.58 17.64
N ASN B 43 11.12 48.50 18.36
CA ASN B 43 11.04 49.93 17.99
C ASN B 43 10.53 50.04 16.55
N GLY B 44 9.54 49.22 16.20
CA GLY B 44 8.80 49.27 14.91
C GLY B 44 9.53 48.57 13.76
N GLU B 45 10.68 47.92 14.02
CA GLU B 45 11.51 47.28 12.98
C GLU B 45 11.48 45.76 13.16
N ARG B 46 11.38 45.02 12.05
CA ARG B 46 11.27 43.54 12.02
C ARG B 46 12.49 42.94 12.74
N ILE B 47 12.27 42.04 13.69
CA ILE B 47 13.33 41.20 14.33
C ILE B 47 13.64 40.06 13.35
N GLU B 48 14.91 39.87 13.01
CA GLU B 48 15.34 39.12 11.81
C GLU B 48 15.15 37.62 11.98
N LYS B 49 15.59 37.05 13.11
CA LYS B 49 15.59 35.58 13.33
C LYS B 49 14.54 35.25 14.39
N VAL B 50 13.31 35.02 13.94
CA VAL B 50 12.17 34.55 14.77
C VAL B 50 11.82 33.14 14.33
N GLU B 51 11.61 32.24 15.29
CA GLU B 51 11.26 30.82 15.03
C GLU B 51 9.78 30.65 15.38
N HIS B 52 9.16 29.56 14.93
CA HIS B 52 7.74 29.26 15.25
C HIS B 52 7.58 27.76 15.53
N SER B 53 6.53 27.43 16.27
CA SER B 53 6.08 26.04 16.53
C SER B 53 5.57 25.44 15.22
N ASP B 54 5.37 24.12 15.20
CA ASP B 54 4.81 23.40 14.04
C ASP B 54 3.29 23.60 14.03
N LEU B 55 2.72 23.93 12.88
CA LEU B 55 1.27 24.16 12.71
C LEU B 55 0.49 22.99 13.31
N SER B 56 -0.43 23.29 14.23
CA SER B 56 -1.46 22.36 14.75
C SER B 56 -2.78 23.12 14.91
N PHE B 57 -3.81 22.45 15.40
CA PHE B 57 -5.18 23.03 15.48
C PHE B 57 -5.91 22.52 16.72
N SER B 58 -6.95 23.27 17.12
CA SER B 58 -7.78 23.01 18.31
C SER B 58 -8.98 22.15 17.91
N LYS B 59 -9.84 21.80 18.88
CA LYS B 59 -11.01 20.91 18.67
C LYS B 59 -11.96 21.50 17.61
N ASP B 60 -12.03 22.84 17.52
CA ASP B 60 -12.93 23.57 16.57
C ASP B 60 -12.26 23.74 15.20
N TRP B 61 -11.09 23.13 15.00
CA TRP B 61 -10.33 23.09 13.71
C TRP B 61 -9.57 24.39 13.44
N SER B 62 -9.66 25.39 14.32
CA SER B 62 -8.89 26.65 14.19
C SER B 62 -7.42 26.38 14.54
N PHE B 63 -6.50 27.06 13.85
CA PHE B 63 -5.03 26.85 13.93
C PHE B 63 -4.44 27.70 15.05
N TYR B 64 -3.28 27.28 15.55
CA TYR B 64 -2.45 28.05 16.51
C TYR B 64 -0.97 27.85 16.19
N LEU B 65 -0.20 28.92 16.36
CA LEU B 65 1.28 28.97 16.22
C LEU B 65 1.85 29.82 17.35
N LEU B 66 3.01 29.42 17.88
CA LEU B 66 3.86 30.27 18.73
C LEU B 66 5.05 30.77 17.90
N TYR B 67 5.20 32.08 17.78
CA TYR B 67 6.41 32.75 17.23
C TYR B 67 7.22 33.26 18.42
N TYR B 68 8.53 33.08 18.40
CA TYR B 68 9.39 33.37 19.58
C TYR B 68 10.82 33.70 19.14
N THR B 69 11.46 34.58 19.92
CA THR B 69 12.89 34.92 19.77
C THR B 69 13.45 35.21 21.17
N GLU B 70 14.73 34.96 21.36
CA GLU B 70 15.49 35.48 22.52
C GLU B 70 15.47 37.00 22.45
N PHE B 71 15.34 37.66 23.60
CA PHE B 71 15.43 39.14 23.72
C PHE B 71 15.87 39.48 25.14
N THR B 72 16.52 40.64 25.28
CA THR B 72 16.89 41.26 26.56
C THR B 72 16.11 42.57 26.67
N PRO B 73 14.95 42.58 27.37
CA PRO B 73 14.14 43.79 27.49
C PRO B 73 14.90 44.91 28.23
N THR B 74 14.52 46.16 27.95
CA THR B 74 15.04 47.38 28.62
C THR B 74 13.85 48.32 28.89
N GLU B 75 14.12 49.43 29.59
CA GLU B 75 13.09 50.46 29.95
C GLU B 75 12.55 51.11 28.68
N LYS B 76 13.44 51.44 27.73
CA LYS B 76 13.14 52.34 26.57
C LYS B 76 12.62 51.55 25.37
N ASP B 77 13.14 50.34 25.13
CA ASP B 77 12.84 49.54 23.91
C ASP B 77 11.38 49.11 23.91
N GLU B 78 10.70 49.30 22.77
CA GLU B 78 9.27 48.94 22.55
C GLU B 78 9.22 47.71 21.65
N TYR B 79 8.49 46.68 22.07
CA TYR B 79 8.29 45.42 21.30
C TYR B 79 6.80 45.31 20.93
N ALA B 80 6.54 44.66 19.80
CA ALA B 80 5.18 44.42 19.29
C ALA B 80 5.18 43.13 18.46
N CYS B 81 3.99 42.62 18.20
CA CYS B 81 3.73 41.52 17.23
C CYS B 81 2.84 42.06 16.11
N ARG B 82 3.27 41.89 14.86
CA ARG B 82 2.55 42.33 13.64
C ARG B 82 2.05 41.09 12.90
N VAL B 83 0.73 40.99 12.71
CA VAL B 83 0.02 39.81 12.13
C VAL B 83 -0.75 40.26 10.89
N ASN B 84 -0.56 39.58 9.77
CA ASN B 84 -1.45 39.70 8.57
C ASN B 84 -2.04 38.32 8.28
N HIS B 85 -3.34 38.31 7.94
CA HIS B 85 -4.17 37.12 7.63
C HIS B 85 -5.24 37.55 6.63
N VAL B 86 -5.80 36.63 5.86
CA VAL B 86 -6.81 36.94 4.80
C VAL B 86 -7.99 37.70 5.41
N THR B 87 -8.29 37.50 6.70
CA THR B 87 -9.44 38.13 7.42
C THR B 87 -9.19 39.61 7.74
N LEU B 88 -7.93 40.07 7.69
CA LEU B 88 -7.53 41.45 8.11
C LEU B 88 -7.30 42.33 6.87
N SER B 89 -7.90 43.52 6.85
CA SER B 89 -7.77 44.51 5.75
C SER B 89 -6.38 45.14 5.77
N GLN B 90 -5.71 45.15 6.94
CA GLN B 90 -4.32 45.66 7.12
C GLN B 90 -3.65 44.88 8.24
N PRO B 91 -2.30 44.83 8.30
CA PRO B 91 -1.60 44.19 9.41
C PRO B 91 -2.09 44.70 10.77
N LYS B 92 -2.29 43.78 11.72
CA LYS B 92 -2.70 44.09 13.11
C LYS B 92 -1.43 44.12 13.97
N ILE B 93 -1.13 45.26 14.60
CA ILE B 93 0.05 45.41 15.50
C ILE B 93 -0.45 45.39 16.95
N VAL B 94 0.00 44.41 17.74
CA VAL B 94 -0.28 44.31 19.21
C VAL B 94 1.03 44.61 19.95
N LYS B 95 1.03 45.68 20.76
CA LYS B 95 2.20 46.12 21.55
C LYS B 95 2.40 45.16 22.72
N TRP B 96 3.66 44.84 23.02
CA TRP B 96 4.03 44.06 24.24
C TRP B 96 3.80 44.94 25.48
N ASP B 97 2.97 44.46 26.40
CA ASP B 97 2.75 45.06 27.75
C ASP B 97 3.24 44.03 28.77
N ARG B 98 4.31 44.35 29.51
CA ARG B 98 5.01 43.39 30.40
C ARG B 98 4.10 42.96 31.56
N ASP B 99 2.95 43.63 31.74
CA ASP B 99 1.92 43.30 32.76
C ASP B 99 0.75 42.52 32.13
N MET B 100 0.95 41.92 30.96
CA MET B 100 -0.09 41.14 30.22
C MET B 100 0.56 39.96 29.49
N GLU C 1 3.22 5.63 17.13
CA GLU C 1 3.32 5.03 15.77
C GLU C 1 2.07 5.37 14.94
N LEU C 2 2.27 5.79 13.68
CA LEU C 2 1.19 6.16 12.71
C LEU C 2 0.41 4.93 12.25
N PHE C 3 -0.88 5.13 11.96
CA PHE C 3 -1.79 4.20 11.25
C PHE C 3 -1.41 4.16 9.76
N SER C 4 -1.34 2.98 9.14
CA SER C 4 -0.80 2.78 7.77
C SER C 4 -1.87 2.32 6.78
N TYR C 5 -3.11 2.04 7.23
CA TYR C 5 -4.21 1.55 6.38
C TYR C 5 -4.96 2.75 5.79
N LEU C 6 -4.53 3.19 4.60
CA LEU C 6 -4.99 4.46 3.96
C LEU C 6 -6.08 4.15 2.91
N ILE C 7 -7.31 4.60 3.17
CA ILE C 7 -8.48 4.45 2.25
C ILE C 7 -8.89 5.84 1.75
N GLU C 8 -9.00 6.00 0.43
CA GLU C 8 -9.36 7.28 -0.24
C GLU C 8 -10.78 7.69 0.18
N LYS C 9 -11.04 9.00 0.24
CA LYS C 9 -12.36 9.60 0.58
C LYS C 9 -13.22 9.64 -0.69
N MET D 1 8.14 -10.74 13.94
CA MET D 1 9.05 -11.72 13.25
C MET D 1 9.08 -11.43 11.74
N LYS D 2 10.14 -11.90 11.08
CA LYS D 2 10.25 -11.92 9.59
C LYS D 2 9.10 -12.76 9.05
N GLN D 3 8.22 -12.14 8.23
CA GLN D 3 7.02 -12.81 7.67
C GLN D 3 7.44 -13.75 6.54
N GLU D 4 7.19 -15.06 6.72
CA GLU D 4 7.42 -16.11 5.70
C GLU D 4 6.13 -16.90 5.53
N VAL D 5 5.65 -17.01 4.28
CA VAL D 5 4.41 -17.74 3.92
C VAL D 5 4.81 -19.06 3.26
N THR D 6 4.30 -20.18 3.79
CA THR D 6 4.58 -21.56 3.31
C THR D 6 3.25 -22.28 3.07
N GLN D 7 3.16 -23.06 2.00
CA GLN D 7 1.92 -23.76 1.57
C GLN D 7 2.20 -25.25 1.39
N ILE D 8 1.29 -26.10 1.87
CA ILE D 8 1.32 -27.59 1.73
C ILE D 8 -0.01 -28.04 1.13
N PRO D 9 -0.01 -28.99 0.16
CA PRO D 9 1.21 -29.49 -0.47
C PRO D 9 1.73 -28.55 -1.57
N ALA D 10 2.99 -28.73 -1.98
CA ALA D 10 3.64 -27.98 -3.08
C ALA D 10 2.95 -28.28 -4.42
N ALA D 11 2.44 -29.51 -4.57
CA ALA D 11 1.67 -29.96 -5.76
C ALA D 11 0.62 -30.99 -5.32
N LEU D 12 -0.49 -31.05 -6.07
CA LEU D 12 -1.61 -32.00 -5.82
C LEU D 12 -2.27 -32.37 -7.17
N SER D 13 -2.23 -33.66 -7.52
CA SER D 13 -2.92 -34.23 -8.70
C SER D 13 -4.06 -35.15 -8.22
N VAL D 14 -5.31 -34.79 -8.54
CA VAL D 14 -6.54 -35.44 -8.01
C VAL D 14 -7.57 -35.57 -9.12
N PRO D 15 -8.46 -36.59 -9.07
CA PRO D 15 -9.56 -36.70 -10.02
C PRO D 15 -10.67 -35.69 -9.70
N GLU D 16 -11.40 -35.22 -10.71
CA GLU D 16 -12.47 -34.21 -10.57
C GLU D 16 -13.60 -34.78 -9.70
N GLY D 17 -14.29 -33.92 -8.95
CA GLY D 17 -15.41 -34.28 -8.06
C GLY D 17 -14.98 -34.34 -6.60
N GLU D 18 -13.68 -34.47 -6.32
CA GLU D 18 -13.12 -34.57 -4.95
C GLU D 18 -13.13 -33.19 -4.28
N ASN D 19 -13.42 -33.16 -2.98
CA ASN D 19 -13.34 -31.95 -2.12
C ASN D 19 -11.89 -31.79 -1.65
N LEU D 20 -11.25 -30.67 -2.00
CA LEU D 20 -9.79 -30.44 -1.82
C LEU D 20 -9.52 -29.55 -0.61
N VAL D 21 -8.41 -29.79 0.07
CA VAL D 21 -7.89 -28.98 1.22
C VAL D 21 -6.51 -28.46 0.83
N LEU D 22 -6.35 -27.13 0.73
CA LEU D 22 -5.08 -26.44 0.43
C LEU D 22 -4.65 -25.65 1.67
N ASN D 23 -3.44 -25.91 2.17
CA ASN D 23 -2.96 -25.41 3.49
C ASN D 23 -2.00 -24.24 3.28
N CYS D 24 -2.06 -23.27 4.19
CA CYS D 24 -1.21 -22.06 4.22
C CYS D 24 -0.85 -21.74 5.68
N SER D 25 0.44 -21.52 5.95
CA SER D 25 0.96 -21.07 7.27
C SER D 25 1.83 -19.82 7.08
N PHE D 26 1.81 -18.93 8.07
CA PHE D 26 2.61 -17.68 8.11
C PHE D 26 3.15 -17.50 9.54
N THR D 27 4.34 -16.90 9.66
CA THR D 27 5.14 -16.85 10.91
C THR D 27 4.67 -15.70 11.81
N ASP D 28 4.21 -14.59 11.24
CA ASP D 28 3.88 -13.35 11.97
C ASP D 28 2.37 -13.07 11.88
N SER D 29 1.70 -12.90 13.03
CA SER D 29 0.22 -12.83 13.16
C SER D 29 -0.30 -11.39 12.98
N ALA D 30 0.58 -10.39 12.91
CA ALA D 30 0.20 -8.96 12.76
C ALA D 30 -0.07 -8.66 11.27
N ILE D 31 -1.20 -9.14 10.75
CA ILE D 31 -1.63 -8.96 9.33
C ILE D 31 -2.92 -8.14 9.27
N TYR D 32 -3.08 -7.31 8.23
CA TYR D 32 -4.34 -6.58 7.89
C TYR D 32 -5.35 -7.56 7.30
N ASN D 33 -4.91 -8.44 6.40
CA ASN D 33 -5.77 -9.40 5.68
C ASN D 33 -4.91 -10.50 5.05
N LEU D 34 -5.58 -11.58 4.63
CA LEU D 34 -4.97 -12.72 3.89
C LEU D 34 -5.76 -12.91 2.60
N GLN D 35 -5.07 -13.00 1.46
CA GLN D 35 -5.70 -13.07 0.11
C GLN D 35 -5.22 -14.34 -0.61
N TRP D 36 -6.17 -15.13 -1.11
CA TRP D 36 -5.92 -16.31 -1.98
C TRP D 36 -6.04 -15.88 -3.44
N PHE D 37 -5.04 -16.23 -4.26
CA PHE D 37 -5.03 -16.02 -5.72
C PHE D 37 -4.93 -17.37 -6.43
N ARG D 38 -5.35 -17.43 -7.69
CA ARG D 38 -4.99 -18.51 -8.65
C ARG D 38 -4.10 -17.88 -9.72
N GLN D 39 -3.03 -18.59 -10.12
CA GLN D 39 -2.13 -18.18 -11.23
C GLN D 39 -2.27 -19.20 -12.36
N ASP D 40 -2.53 -18.71 -13.57
CA ASP D 40 -2.64 -19.52 -14.82
C ASP D 40 -1.52 -19.07 -15.76
N PRO D 41 -0.95 -19.98 -16.58
CA PRO D 41 0.11 -19.60 -17.52
C PRO D 41 -0.24 -18.36 -18.36
N GLY D 42 0.64 -17.35 -18.35
CA GLY D 42 0.59 -16.16 -19.23
C GLY D 42 -0.57 -15.22 -18.94
N LYS D 43 -1.37 -15.49 -17.89
CA LYS D 43 -2.60 -14.71 -17.55
C LYS D 43 -2.39 -13.90 -16.26
N GLY D 44 -1.29 -14.16 -15.53
CA GLY D 44 -1.01 -13.53 -14.23
C GLY D 44 -1.92 -14.08 -13.13
N LEU D 45 -2.19 -13.26 -12.11
CA LEU D 45 -2.93 -13.68 -10.88
C LEU D 45 -4.37 -13.16 -10.93
N THR D 46 -5.31 -13.99 -10.48
CA THR D 46 -6.75 -13.66 -10.29
C THR D 46 -7.10 -13.89 -8.82
N SER D 47 -7.68 -12.89 -8.15
CA SER D 47 -8.10 -12.98 -6.73
C SER D 47 -9.27 -13.96 -6.60
N LEU D 48 -9.21 -14.84 -5.60
CA LEU D 48 -10.27 -15.83 -5.28
C LEU D 48 -11.07 -15.35 -4.07
N LEU D 49 -10.39 -15.06 -2.96
CA LEU D 49 -10.98 -14.65 -1.66
C LEU D 49 -10.05 -13.65 -0.96
N LEU D 50 -10.63 -12.66 -0.28
CA LEU D 50 -9.93 -11.73 0.65
C LEU D 50 -10.54 -11.88 2.04
N ILE D 51 -9.75 -12.32 3.02
CA ILE D 51 -10.17 -12.51 4.44
C ILE D 51 -9.59 -11.36 5.27
N GLN D 52 -10.44 -10.55 5.89
CA GLN D 52 -10.03 -9.47 6.84
C GLN D 52 -9.51 -10.13 8.12
N SER D 53 -8.57 -9.47 8.82
CA SER D 53 -7.98 -9.94 10.09
C SER D 53 -9.07 -10.24 11.13
N SER D 54 -10.22 -9.55 11.04
CA SER D 54 -11.38 -9.67 11.97
C SER D 54 -12.32 -10.80 11.55
N GLN D 55 -12.18 -11.32 10.31
CA GLN D 55 -13.07 -12.37 9.74
C GLN D 55 -12.48 -13.76 9.99
N ARG D 56 -13.33 -14.75 10.25
CA ARG D 56 -12.94 -16.17 10.53
C ARG D 56 -12.93 -16.96 9.22
N GLU D 57 -13.79 -16.60 8.25
CA GLU D 57 -13.91 -17.31 6.95
C GLU D 57 -14.55 -16.40 5.90
N GLN D 58 -14.35 -16.74 4.62
CA GLN D 58 -15.00 -16.11 3.44
C GLN D 58 -15.40 -17.22 2.45
N THR D 59 -16.51 -17.02 1.73
CA THR D 59 -17.06 -17.98 0.74
C THR D 59 -17.26 -17.25 -0.60
N SER D 60 -16.98 -17.94 -1.71
CA SER D 60 -17.18 -17.45 -3.10
C SER D 60 -17.41 -18.65 -4.03
N GLY D 61 -18.68 -18.98 -4.28
CA GLY D 61 -19.09 -20.15 -5.08
C GLY D 61 -18.72 -21.46 -4.38
N ARG D 62 -17.83 -22.23 -4.99
CA ARG D 62 -17.38 -23.56 -4.48
C ARG D 62 -16.13 -23.40 -3.61
N LEU D 63 -15.66 -22.17 -3.38
CA LEU D 63 -14.46 -21.86 -2.57
C LEU D 63 -14.88 -21.40 -1.17
N ASN D 64 -14.25 -21.97 -0.14
CA ASN D 64 -14.37 -21.55 1.29
C ASN D 64 -12.96 -21.48 1.87
N ALA D 65 -12.65 -20.42 2.62
CA ALA D 65 -11.32 -20.19 3.24
C ALA D 65 -11.49 -19.81 4.72
N SER D 66 -10.70 -20.42 5.60
CA SER D 66 -10.64 -20.12 7.06
C SER D 66 -9.34 -19.38 7.38
N LEU D 67 -9.34 -18.58 8.44
CA LEU D 67 -8.17 -17.81 8.93
C LEU D 67 -8.08 -17.94 10.46
N ASP D 68 -7.00 -18.57 10.95
CA ASP D 68 -6.63 -18.64 12.39
C ASP D 68 -5.36 -17.80 12.56
N LYS D 69 -5.52 -16.51 12.88
CA LYS D 69 -4.45 -15.49 12.85
C LYS D 69 -3.40 -15.81 13.93
N SER D 70 -3.84 -16.15 15.14
CA SER D 70 -2.99 -16.53 16.30
C SER D 70 -2.11 -17.74 15.95
N SER D 71 -2.70 -18.77 15.35
CA SER D 71 -2.01 -20.01 14.92
C SER D 71 -1.14 -19.75 13.68
N GLY D 72 -1.40 -18.65 12.96
CA GLY D 72 -0.70 -18.29 11.72
C GLY D 72 -1.00 -19.30 10.63
N ARG D 73 -2.27 -19.65 10.45
CA ARG D 73 -2.73 -20.71 9.52
C ARG D 73 -3.96 -20.24 8.74
N SER D 74 -4.05 -20.63 7.47
CA SER D 74 -5.23 -20.46 6.58
C SER D 74 -5.43 -21.74 5.77
N THR D 75 -6.69 -22.15 5.59
CA THR D 75 -7.09 -23.35 4.80
C THR D 75 -8.09 -22.92 3.72
N LEU D 76 -7.79 -23.24 2.46
CA LEU D 76 -8.71 -23.06 1.30
C LEU D 76 -9.34 -24.41 0.96
N TYR D 77 -10.66 -24.48 0.97
CA TYR D 77 -11.47 -25.67 0.61
C TYR D 77 -12.08 -25.45 -0.78
N ILE D 78 -11.80 -26.39 -1.72
CA ILE D 78 -12.39 -26.41 -3.09
C ILE D 78 -13.37 -27.59 -3.15
N ALA D 79 -14.67 -27.30 -3.15
CA ALA D 79 -15.77 -28.30 -3.20
C ALA D 79 -16.01 -28.72 -4.66
N ALA D 80 -16.28 -30.01 -4.88
CA ALA D 80 -16.61 -30.62 -6.19
C ALA D 80 -15.68 -30.06 -7.27
N SER D 81 -14.37 -30.35 -7.15
CA SER D 81 -13.29 -29.80 -8.00
C SER D 81 -13.54 -30.14 -9.47
N GLN D 82 -13.38 -29.14 -10.37
CA GLN D 82 -13.55 -29.27 -11.84
C GLN D 82 -12.18 -29.14 -12.50
N PRO D 83 -11.99 -29.66 -13.75
CA PRO D 83 -10.75 -29.46 -14.50
C PRO D 83 -10.33 -27.99 -14.63
N GLY D 84 -11.30 -27.08 -14.73
CA GLY D 84 -11.09 -25.61 -14.86
C GLY D 84 -10.43 -25.01 -13.63
N ASP D 85 -10.46 -25.72 -12.49
CA ASP D 85 -9.83 -25.29 -11.22
C ASP D 85 -8.29 -25.46 -11.30
N SER D 86 -7.79 -26.24 -12.27
CA SER D 86 -6.34 -26.51 -12.44
C SER D 86 -5.58 -25.19 -12.59
N ALA D 87 -4.66 -24.92 -11.66
CA ALA D 87 -3.87 -23.66 -11.56
C ALA D 87 -2.91 -23.76 -10.36
N THR D 88 -2.04 -22.76 -10.20
CA THR D 88 -1.21 -22.57 -8.98
C THR D 88 -1.99 -21.67 -8.01
N TYR D 89 -2.31 -22.19 -6.83
CA TYR D 89 -3.06 -21.46 -5.77
C TYR D 89 -2.04 -20.82 -4.81
N LEU D 90 -2.12 -19.49 -4.69
CA LEU D 90 -1.13 -18.66 -3.95
C LEU D 90 -1.80 -18.05 -2.71
N CYS D 91 -1.16 -18.25 -1.56
CA CYS D 91 -1.54 -17.64 -0.25
C CYS D 91 -0.66 -16.40 -0.04
N ALA D 92 -1.27 -15.27 0.32
CA ALA D 92 -0.57 -13.98 0.51
C ALA D 92 -1.17 -13.21 1.69
N VAL D 93 -0.32 -12.47 2.40
CA VAL D 93 -0.71 -11.62 3.57
C VAL D 93 -0.21 -10.20 3.34
N ARG D 94 -0.84 -9.23 4.02
CA ARG D 94 -0.38 -7.83 4.12
C ARG D 94 -0.08 -7.53 5.59
N GLN D 95 1.08 -6.94 5.90
CA GLN D 95 1.55 -6.67 7.27
C GLN D 95 0.95 -5.36 7.79
N ARG D 96 0.49 -5.35 9.04
CA ARG D 96 0.12 -4.11 9.77
C ARG D 96 1.36 -3.20 9.81
N GLY D 97 1.16 -1.90 9.60
CA GLY D 97 2.24 -0.88 9.56
C GLY D 97 2.86 -0.72 8.19
N SER D 98 2.51 -1.59 7.23
CA SER D 98 3.03 -1.53 5.84
CA SER D 98 3.01 -1.56 5.83
C SER D 98 1.99 -0.86 4.93
N GLN D 99 2.37 -0.61 3.67
CA GLN D 99 1.56 0.18 2.70
C GLN D 99 0.88 -0.74 1.68
N GLY D 100 0.64 -2.01 2.03
CA GLY D 100 -0.30 -2.91 1.35
C GLY D 100 0.36 -3.95 0.45
N ASN D 101 1.70 -3.98 0.36
CA ASN D 101 2.40 -4.97 -0.50
C ASN D 101 2.07 -6.38 0.00
N LEU D 102 1.97 -7.33 -0.92
CA LEU D 102 1.64 -8.74 -0.63
C LEU D 102 2.92 -9.51 -0.31
N ILE D 103 2.85 -10.40 0.68
CA ILE D 103 3.92 -11.38 1.01
C ILE D 103 3.37 -12.77 0.67
N PHE D 104 3.99 -13.44 -0.29
CA PHE D 104 3.44 -14.61 -1.02
C PHE D 104 4.08 -15.91 -0.53
N GLY D 105 3.28 -16.99 -0.45
CA GLY D 105 3.77 -18.38 -0.46
C GLY D 105 4.19 -18.77 -1.87
N LYS D 106 4.88 -19.92 -2.01
CA LYS D 106 5.40 -20.41 -3.32
C LYS D 106 4.28 -21.13 -4.08
N GLY D 107 3.17 -21.46 -3.41
CA GLY D 107 1.92 -21.91 -4.06
C GLY D 107 1.73 -23.42 -4.02
N THR D 108 0.50 -23.87 -4.32
CA THR D 108 0.12 -25.28 -4.57
C THR D 108 -0.25 -25.44 -6.05
N LYS D 109 0.56 -26.16 -6.82
CA LYS D 109 0.28 -26.49 -8.24
C LYS D 109 -0.81 -27.58 -8.26
N LEU D 110 -2.05 -27.20 -8.52
CA LEU D 110 -3.23 -28.10 -8.51
C LEU D 110 -3.54 -28.57 -9.93
N SER D 111 -3.65 -29.89 -10.13
CA SER D 111 -4.12 -30.54 -11.37
C SER D 111 -5.38 -31.36 -11.07
N VAL D 112 -6.53 -30.92 -11.58
CA VAL D 112 -7.83 -31.66 -11.48
C VAL D 112 -8.02 -32.43 -12.78
N LYS D 113 -7.91 -33.76 -12.72
CA LYS D 113 -7.91 -34.66 -13.91
C LYS D 113 -9.35 -34.96 -14.31
N PRO D 114 -9.76 -34.69 -15.57
CA PRO D 114 -11.10 -35.05 -16.03
C PRO D 114 -11.37 -36.56 -15.99
N ASN D 115 -12.60 -36.95 -15.63
CA ASN D 115 -13.06 -38.36 -15.64
C ASN D 115 -13.26 -38.78 -17.10
N ILE D 116 -12.58 -39.84 -17.54
CA ILE D 116 -12.68 -40.40 -18.93
C ILE D 116 -13.83 -41.43 -18.92
N GLN D 117 -14.92 -41.09 -19.62
CA GLN D 117 -16.19 -41.88 -19.67
C GLN D 117 -15.93 -43.29 -20.21
N ASN D 118 -15.31 -43.38 -21.39
CA ASN D 118 -15.12 -44.64 -22.15
C ASN D 118 -13.64 -44.79 -22.51
N PRO D 119 -12.77 -45.18 -21.55
CA PRO D 119 -11.35 -45.38 -21.82
C PRO D 119 -11.12 -46.41 -22.94
N ASP D 120 -10.31 -46.04 -23.93
CA ASP D 120 -9.96 -46.88 -25.12
C ASP D 120 -8.46 -46.74 -25.39
N PRO D 121 -7.58 -47.13 -24.44
CA PRO D 121 -6.15 -46.83 -24.54
C PRO D 121 -5.49 -47.54 -25.72
N ALA D 122 -4.99 -46.76 -26.69
CA ALA D 122 -4.34 -47.24 -27.92
C ALA D 122 -3.11 -46.39 -28.23
N VAL D 123 -2.07 -46.99 -28.80
CA VAL D 123 -0.81 -46.34 -29.24
C VAL D 123 -0.76 -46.37 -30.79
N TYR D 124 -0.69 -45.19 -31.42
CA TYR D 124 -0.66 -45.01 -32.89
C TYR D 124 0.68 -44.40 -33.31
N GLN D 125 1.13 -44.73 -34.52
CA GLN D 125 2.33 -44.14 -35.17
C GLN D 125 1.86 -43.13 -36.23
N LEU D 126 2.47 -41.93 -36.22
CA LEU D 126 2.17 -40.82 -37.17
C LEU D 126 3.42 -40.51 -37.99
N ARG D 127 3.25 -40.27 -39.30
CA ARG D 127 4.35 -39.95 -40.25
C ARG D 127 4.31 -38.44 -40.56
N ASP D 128 5.48 -37.81 -40.69
CA ASP D 128 5.65 -36.37 -41.03
C ASP D 128 4.96 -36.09 -42.37
N SER D 129 4.27 -34.94 -42.46
CA SER D 129 3.53 -34.46 -43.66
C SER D 129 4.49 -34.26 -44.83
N LYS D 130 5.69 -33.76 -44.57
CA LYS D 130 6.76 -33.48 -45.58
C LYS D 130 7.77 -34.62 -45.57
N ASP D 133 9.88 -40.69 -43.44
CA ASP D 133 11.17 -40.81 -42.71
C ASP D 133 10.96 -40.45 -41.22
N LYS D 134 10.52 -39.22 -40.93
CA LYS D 134 10.26 -38.72 -39.55
C LYS D 134 8.91 -39.26 -39.06
N SER D 135 8.86 -39.73 -37.81
CA SER D 135 7.67 -40.34 -37.18
C SER D 135 7.59 -39.99 -35.69
N VAL D 136 6.37 -39.93 -35.16
CA VAL D 136 6.08 -39.75 -33.70
C VAL D 136 5.05 -40.80 -33.28
N CYS D 137 5.09 -41.21 -32.00
CA CYS D 137 4.15 -42.17 -31.37
C CYS D 137 3.14 -41.39 -30.51
N LEU D 138 1.85 -41.66 -30.70
CA LEU D 138 0.72 -41.00 -29.98
C LEU D 138 0.00 -42.03 -29.10
N PHE D 139 0.18 -41.94 -27.78
CA PHE D 139 -0.63 -42.66 -26.77
C PHE D 139 -1.84 -41.78 -26.42
N THR D 140 -3.07 -42.27 -26.65
CA THR D 140 -4.32 -41.47 -26.57
C THR D 140 -5.46 -42.31 -26.00
N ASP D 141 -6.46 -41.64 -25.40
CA ASP D 141 -7.77 -42.21 -24.98
C ASP D 141 -7.59 -43.13 -23.77
N PHE D 142 -6.55 -42.90 -22.94
CA PHE D 142 -6.30 -43.64 -21.68
C PHE D 142 -7.00 -42.90 -20.53
N ASP D 143 -7.31 -43.64 -19.45
CA ASP D 143 -8.03 -43.11 -18.24
C ASP D 143 -7.07 -42.19 -17.47
N SER D 144 -7.62 -41.43 -16.51
CA SER D 144 -6.91 -40.35 -15.77
C SER D 144 -6.07 -40.91 -14.62
N GLN D 145 -6.20 -42.22 -14.32
CA GLN D 145 -5.35 -42.93 -13.33
C GLN D 145 -3.99 -43.25 -13.96
N THR D 146 -3.94 -43.39 -15.29
CA THR D 146 -2.73 -43.74 -16.08
C THR D 146 -1.67 -42.63 -15.92
N ASN D 147 -0.43 -43.02 -15.61
CA ASN D 147 0.74 -42.11 -15.49
C ASN D 147 1.69 -42.36 -16.67
N VAL D 148 2.19 -41.27 -17.27
CA VAL D 148 3.15 -41.30 -18.41
C VAL D 148 4.51 -40.80 -17.90
N SER D 149 5.43 -41.72 -17.64
CA SER D 149 6.82 -41.46 -17.17
C SER D 149 7.78 -41.44 -18.36
N GLN D 150 8.80 -40.58 -18.31
CA GLN D 150 9.86 -40.45 -19.35
C GLN D 150 10.58 -41.80 -19.48
N SER D 151 10.95 -42.18 -20.72
CA SER D 151 11.56 -43.48 -21.08
C SER D 151 12.90 -43.65 -20.37
N LYS D 152 13.43 -44.89 -20.39
CA LYS D 152 14.78 -45.24 -19.87
C LYS D 152 15.82 -44.77 -20.89
N ASP D 153 15.70 -45.24 -22.14
CA ASP D 153 16.59 -44.90 -23.28
C ASP D 153 16.76 -43.37 -23.36
N SER D 154 18.01 -42.90 -23.44
CA SER D 154 18.41 -41.47 -23.50
C SER D 154 17.94 -40.83 -24.82
N ASP D 155 17.87 -41.63 -25.89
CA ASP D 155 17.54 -41.17 -27.27
C ASP D 155 16.03 -41.02 -27.45
N VAL D 156 15.23 -41.47 -26.47
CA VAL D 156 13.74 -41.47 -26.54
C VAL D 156 13.20 -40.31 -25.69
N TYR D 157 12.40 -39.44 -26.31
CA TYR D 157 11.72 -38.28 -25.67
C TYR D 157 10.23 -38.61 -25.49
N ILE D 158 9.69 -38.39 -24.29
CA ILE D 158 8.25 -38.58 -23.96
C ILE D 158 7.73 -37.31 -23.27
N THR D 159 6.61 -36.77 -23.75
CA THR D 159 5.96 -35.54 -23.23
C THR D 159 5.04 -35.91 -22.06
N ASP D 160 4.70 -34.92 -21.23
CA ASP D 160 3.67 -35.04 -20.17
C ASP D 160 2.33 -35.36 -20.85
N LYS D 161 1.38 -35.92 -20.10
CA LYS D 161 0.00 -36.20 -20.59
C LYS D 161 -0.75 -34.87 -20.73
N CYS D 162 -1.79 -34.85 -21.55
CA CYS D 162 -2.46 -33.62 -22.07
C CYS D 162 -3.91 -33.93 -22.44
N VAL D 163 -4.87 -33.15 -21.92
CA VAL D 163 -6.33 -33.34 -22.19
C VAL D 163 -6.77 -32.29 -23.23
N LEU D 164 -7.39 -32.74 -24.33
CA LEU D 164 -8.04 -31.86 -25.34
C LEU D 164 -9.55 -32.06 -25.23
N ASP D 165 -10.33 -31.06 -25.68
CA ASP D 165 -11.81 -31.02 -25.58
C ASP D 165 -12.40 -30.68 -26.95
N MET D 166 -13.07 -31.65 -27.59
CA MET D 166 -13.82 -31.43 -28.86
C MET D 166 -15.25 -30.99 -28.50
N ARG D 167 -15.46 -29.67 -28.41
CA ARG D 167 -16.68 -29.03 -27.86
C ARG D 167 -17.95 -29.57 -28.55
N SER D 168 -17.89 -29.74 -29.87
CA SER D 168 -19.04 -30.10 -30.74
C SER D 168 -19.54 -31.51 -30.42
N MET D 169 -18.68 -32.38 -29.87
CA MET D 169 -18.98 -33.80 -29.57
C MET D 169 -19.04 -34.04 -28.05
N ASP D 170 -18.78 -33.00 -27.24
CA ASP D 170 -18.69 -33.10 -25.76
C ASP D 170 -17.80 -34.30 -25.40
N PHE D 171 -16.60 -34.35 -26.00
CA PHE D 171 -15.64 -35.48 -25.89
C PHE D 171 -14.29 -34.94 -25.41
N LYS D 172 -13.76 -35.54 -24.33
CA LYS D 172 -12.41 -35.26 -23.77
C LYS D 172 -11.56 -36.53 -23.86
N SER D 173 -10.28 -36.39 -24.19
CA SER D 173 -9.30 -37.50 -24.30
C SER D 173 -7.91 -37.04 -23.88
N ASN D 174 -7.21 -37.85 -23.08
CA ASN D 174 -5.78 -37.68 -22.73
C ASN D 174 -4.94 -38.09 -23.95
N SER D 175 -3.76 -37.49 -24.11
CA SER D 175 -2.73 -37.92 -25.09
C SER D 175 -1.33 -37.58 -24.57
N ALA D 176 -0.34 -38.38 -24.96
CA ALA D 176 1.10 -38.14 -24.73
C ALA D 176 1.87 -38.54 -26.00
N VAL D 177 2.90 -37.75 -26.35
CA VAL D 177 3.71 -37.93 -27.60
C VAL D 177 5.08 -38.49 -27.22
N ALA D 178 5.60 -39.43 -28.01
CA ALA D 178 6.95 -40.02 -27.88
C ALA D 178 7.61 -40.09 -29.26
N TRP D 179 8.90 -39.79 -29.34
CA TRP D 179 9.71 -39.86 -30.58
C TRP D 179 11.19 -40.14 -30.23
N SER D 180 11.98 -40.55 -31.22
CA SER D 180 13.42 -40.92 -31.07
C SER D 180 14.25 -40.29 -32.18
N ASN D 181 15.52 -39.99 -31.88
CA ASN D 181 16.55 -39.54 -32.86
C ASN D 181 16.91 -40.72 -33.77
N LYS D 182 16.80 -41.95 -33.26
CA LYS D 182 17.06 -43.21 -34.00
C LYS D 182 15.92 -43.46 -34.99
N SER D 183 16.23 -44.03 -36.16
CA SER D 183 15.27 -44.27 -37.28
C SER D 183 14.44 -45.53 -37.01
N ASP D 184 13.24 -45.58 -37.58
CA ASP D 184 12.30 -46.73 -37.52
C ASP D 184 12.00 -47.09 -36.06
N PHE D 185 11.68 -46.09 -35.24
CA PHE D 185 11.34 -46.25 -33.80
C PHE D 185 10.00 -46.99 -33.67
N ALA D 186 9.99 -48.10 -32.92
CA ALA D 186 8.80 -48.91 -32.61
C ALA D 186 7.99 -48.22 -31.50
N CYS D 187 6.68 -48.04 -31.72
CA CYS D 187 5.76 -47.31 -30.80
C CYS D 187 5.15 -48.26 -29.76
N ALA D 188 5.07 -49.56 -30.08
CA ALA D 188 4.50 -50.63 -29.23
C ALA D 188 4.79 -50.35 -27.74
N ASN D 189 6.08 -50.35 -27.37
CA ASN D 189 6.55 -50.25 -25.95
C ASN D 189 7.23 -48.90 -25.71
N ALA D 190 6.83 -47.85 -26.43
CA ALA D 190 7.37 -46.48 -26.31
C ALA D 190 7.00 -45.88 -24.95
N PHE D 191 5.77 -46.11 -24.49
CA PHE D 191 5.21 -45.58 -23.23
C PHE D 191 5.19 -46.68 -22.15
N ASN D 192 5.93 -47.76 -22.39
CA ASN D 192 5.99 -48.96 -21.50
C ASN D 192 7.44 -49.19 -21.06
N GLY E 4 -7.16 -4.90 -18.07
CA GLY E 4 -6.84 -3.47 -17.81
C GLY E 4 -5.35 -3.22 -17.75
N VAL E 5 -4.63 -3.97 -16.90
CA VAL E 5 -3.15 -3.83 -16.70
C VAL E 5 -2.44 -4.47 -17.90
N THR E 6 -1.63 -3.69 -18.60
CA THR E 6 -0.80 -4.11 -19.75
C THR E 6 0.69 -4.02 -19.36
N GLN E 7 1.50 -4.97 -19.83
CA GLN E 7 2.97 -5.00 -19.62
C GLN E 7 3.66 -5.27 -20.97
N THR E 8 4.69 -4.48 -21.29
CA THR E 8 5.54 -4.65 -22.49
C THR E 8 7.01 -4.49 -22.10
N PRO E 9 7.94 -5.27 -22.71
CA PRO E 9 7.59 -6.34 -23.64
C PRO E 9 7.15 -7.61 -22.91
N LYS E 10 6.50 -8.55 -23.60
CA LYS E 10 6.01 -9.83 -23.04
C LYS E 10 7.20 -10.73 -22.70
N HIS E 11 8.25 -10.71 -23.53
CA HIS E 11 9.47 -11.55 -23.42
C HIS E 11 10.73 -10.70 -23.57
N LEU E 12 11.79 -11.02 -22.82
CA LEU E 12 13.12 -10.37 -22.91
C LEU E 12 14.21 -11.44 -22.83
N ILE E 13 15.09 -11.49 -23.84
CA ILE E 13 16.33 -12.32 -23.88
C ILE E 13 17.53 -11.37 -23.99
N THR E 14 18.41 -11.35 -22.98
CA THR E 14 19.65 -10.55 -22.94
C THR E 14 20.78 -11.37 -22.28
N ALA E 15 22.01 -10.87 -22.36
CA ALA E 15 23.22 -11.46 -21.76
C ALA E 15 23.49 -10.81 -20.39
N THR E 16 24.38 -11.42 -19.59
CA THR E 16 24.80 -10.92 -18.26
C THR E 16 25.52 -9.58 -18.42
N GLY E 17 25.23 -8.62 -17.53
CA GLY E 17 25.85 -7.28 -17.51
C GLY E 17 25.03 -6.23 -18.24
N GLN E 18 24.00 -6.65 -18.98
CA GLN E 18 23.16 -5.77 -19.86
C GLN E 18 22.11 -5.05 -19.01
N ARG E 19 21.40 -4.10 -19.63
CA ARG E 19 20.35 -3.26 -19.01
C ARG E 19 19.04 -3.43 -19.80
N VAL E 20 17.91 -3.59 -19.10
CA VAL E 20 16.56 -3.73 -19.72
C VAL E 20 15.58 -2.81 -18.99
N THR E 21 14.54 -2.34 -19.69
CA THR E 21 13.45 -1.50 -19.16
C THR E 21 12.12 -2.24 -19.37
N LEU E 22 11.43 -2.56 -18.27
CA LEU E 22 10.09 -3.20 -18.26
C LEU E 22 9.04 -2.10 -18.10
N ARG E 23 8.01 -2.10 -18.96
CA ARG E 23 6.95 -1.07 -19.02
C ARG E 23 5.65 -1.66 -18.46
N CYS E 24 4.88 -0.85 -17.74
CA CYS E 24 3.53 -1.20 -17.20
C CYS E 24 2.59 0.01 -17.34
N SER E 25 1.35 -0.25 -17.74
CA SER E 25 0.22 0.72 -17.70
C SER E 25 -0.84 0.18 -16.76
N PRO E 26 -1.22 0.91 -15.69
CA PRO E 26 -2.25 0.43 -14.77
C PRO E 26 -3.63 0.44 -15.44
N ARG E 27 -4.63 -0.18 -14.80
CA ARG E 27 -6.05 -0.06 -15.23
C ARG E 27 -6.40 1.43 -15.28
N SER E 28 -7.25 1.84 -16.22
CA SER E 28 -7.71 3.25 -16.36
C SER E 28 -8.20 3.76 -15.01
N GLY E 29 -7.62 4.86 -14.53
CA GLY E 29 -8.04 5.54 -13.28
C GLY E 29 -7.35 5.00 -12.03
N ASP E 30 -6.58 3.90 -12.13
CA ASP E 30 -5.88 3.30 -10.96
C ASP E 30 -4.71 4.22 -10.55
N LEU E 31 -4.47 4.34 -9.25
CA LEU E 31 -3.48 5.28 -8.64
C LEU E 31 -2.18 4.55 -8.29
N SER E 32 -2.27 3.31 -7.80
CA SER E 32 -1.11 2.50 -7.33
C SER E 32 -0.55 1.64 -8.47
N VAL E 33 0.78 1.53 -8.52
CA VAL E 33 1.52 0.51 -9.31
C VAL E 33 2.45 -0.23 -8.35
N TYR E 34 2.29 -1.56 -8.25
CA TYR E 34 3.19 -2.49 -7.52
C TYR E 34 4.02 -3.29 -8.54
N TRP E 35 5.30 -3.52 -8.24
CA TRP E 35 6.19 -4.45 -9.00
C TRP E 35 6.52 -5.66 -8.12
N TYR E 36 6.36 -6.86 -8.68
CA TYR E 36 6.71 -8.16 -8.04
C TYR E 36 7.60 -8.96 -8.99
N GLN E 37 8.58 -9.67 -8.43
CA GLN E 37 9.47 -10.61 -9.15
C GLN E 37 9.12 -12.04 -8.72
N GLN E 38 8.75 -12.90 -9.67
CA GLN E 38 8.49 -14.34 -9.41
C GLN E 38 9.62 -15.18 -9.99
N SER E 39 10.52 -15.66 -9.13
CA SER E 39 11.63 -16.59 -9.44
C SER E 39 11.28 -17.98 -8.90
N LEU E 40 11.97 -19.02 -9.39
CA LEU E 40 11.79 -20.43 -8.95
C LEU E 40 12.20 -20.58 -7.48
N ASP E 41 13.23 -19.85 -7.05
CA ASP E 41 13.86 -19.97 -5.71
C ASP E 41 13.01 -19.29 -4.64
N GLN E 42 12.58 -18.04 -4.87
CA GLN E 42 11.92 -17.18 -3.84
C GLN E 42 10.42 -17.00 -4.11
N GLY E 43 9.91 -17.49 -5.24
CA GLY E 43 8.53 -17.23 -5.70
C GLY E 43 8.30 -15.74 -5.89
N LEU E 44 7.06 -15.27 -5.72
CA LEU E 44 6.69 -13.83 -5.82
C LEU E 44 7.33 -13.05 -4.67
N GLN E 45 8.10 -12.00 -4.99
CA GLN E 45 8.75 -11.10 -4.01
C GLN E 45 8.47 -9.64 -4.40
N PHE E 46 7.97 -8.85 -3.45
CA PHE E 46 7.68 -7.40 -3.61
C PHE E 46 8.99 -6.64 -3.91
N LEU E 47 9.01 -5.86 -4.99
CA LEU E 47 10.17 -5.01 -5.37
C LEU E 47 9.92 -3.57 -4.89
N ILE E 48 8.90 -2.90 -5.41
CA ILE E 48 8.66 -1.44 -5.17
C ILE E 48 7.23 -1.09 -5.55
N GLN E 49 6.65 -0.05 -4.94
CA GLN E 49 5.25 0.39 -5.24
C GLN E 49 5.20 1.92 -5.32
N TYR E 50 4.35 2.42 -6.21
CA TYR E 50 4.13 3.86 -6.49
C TYR E 50 2.66 4.19 -6.25
N TYR E 51 2.39 5.46 -5.93
CA TYR E 51 1.03 6.01 -5.71
C TYR E 51 0.98 7.43 -6.31
N ASN E 52 0.18 7.60 -7.36
CA ASN E 52 -0.11 8.94 -7.95
C ASN E 52 1.20 9.62 -8.35
N GLY E 53 2.17 8.86 -8.88
CA GLY E 53 3.41 9.38 -9.48
C GLY E 53 4.59 9.45 -8.52
N GLU E 54 4.43 8.98 -7.28
CA GLU E 54 5.48 9.05 -6.22
C GLU E 54 5.70 7.66 -5.60
N GLU E 55 6.95 7.33 -5.26
CA GLU E 55 7.31 6.10 -4.51
C GLU E 55 6.53 6.10 -3.19
N ARG E 56 5.89 4.99 -2.84
CA ARG E 56 5.16 4.83 -1.55
C ARG E 56 5.91 3.84 -0.63
N ALA E 57 6.50 2.78 -1.18
CA ALA E 57 7.24 1.75 -0.40
C ALA E 57 8.23 1.01 -1.29
N LYS E 58 9.33 0.55 -0.69
CA LYS E 58 10.42 -0.20 -1.36
C LYS E 58 10.58 -1.55 -0.64
N GLY E 59 10.67 -2.65 -1.41
CA GLY E 59 10.90 -4.00 -0.89
C GLY E 59 12.39 -4.27 -0.70
N ASN E 60 12.78 -5.56 -0.68
CA ASN E 60 14.20 -6.00 -0.62
C ASN E 60 14.78 -5.91 -2.04
N ILE E 61 14.95 -4.67 -2.53
CA ILE E 61 15.35 -4.36 -3.93
C ILE E 61 16.81 -3.91 -3.93
N LEU E 62 17.56 -4.31 -4.98
CA LEU E 62 19.00 -4.03 -5.15
C LEU E 62 19.18 -2.61 -5.69
N GLU E 63 20.36 -2.01 -5.52
CA GLU E 63 20.70 -0.65 -6.05
C GLU E 63 20.59 -0.65 -7.58
N ARG E 64 21.04 -1.72 -8.23
CA ARG E 64 21.05 -1.88 -9.71
C ARG E 64 19.62 -2.02 -10.25
N PHE E 65 18.63 -2.24 -9.38
CA PHE E 65 17.18 -2.21 -9.70
C PHE E 65 16.63 -0.83 -9.32
N SER E 66 16.01 -0.12 -10.26
CA SER E 66 15.34 1.19 -10.05
C SER E 66 14.05 1.23 -10.88
N ALA E 67 13.14 2.15 -10.55
CA ALA E 67 11.83 2.32 -11.22
C ALA E 67 11.28 3.73 -10.97
N GLN E 68 10.18 4.07 -11.64
CA GLN E 68 9.43 5.33 -11.43
C GLN E 68 8.01 5.19 -11.98
N GLN E 69 7.09 6.03 -11.49
CA GLN E 69 5.72 6.21 -12.05
C GLN E 69 5.64 7.64 -12.61
N PHE E 70 5.32 7.77 -13.89
CA PHE E 70 5.31 9.04 -14.65
C PHE E 70 3.98 9.76 -14.39
N PRO E 71 3.85 11.05 -14.77
CA PRO E 71 2.59 11.79 -14.57
C PRO E 71 1.31 11.10 -15.09
N ASP E 72 1.40 10.36 -16.20
CA ASP E 72 0.27 9.63 -16.80
C ASP E 72 0.03 8.31 -16.04
N LEU E 73 0.85 8.04 -15.01
CA LEU E 73 0.70 6.95 -14.00
C LEU E 73 1.14 5.59 -14.57
N HIS E 74 1.73 5.57 -15.77
CA HIS E 74 2.45 4.38 -16.31
C HIS E 74 3.78 4.28 -15.57
N SER E 75 4.31 3.07 -15.39
CA SER E 75 5.54 2.80 -14.61
C SER E 75 6.58 2.09 -15.48
N GLU E 76 7.86 2.35 -15.22
CA GLU E 76 9.02 1.68 -15.86
C GLU E 76 9.93 1.10 -14.78
N LEU E 77 10.28 -0.18 -14.89
CA LEU E 77 11.22 -0.90 -13.99
C LEU E 77 12.53 -1.16 -14.75
N ASN E 78 13.64 -0.59 -14.27
CA ASN E 78 14.97 -0.68 -14.93
C ASN E 78 15.86 -1.65 -14.14
N LEU E 79 16.28 -2.75 -14.78
CA LEU E 79 17.17 -3.79 -14.20
C LEU E 79 18.54 -3.72 -14.89
N SER E 80 19.55 -3.19 -14.19
CA SER E 80 20.93 -2.98 -14.72
CA SER E 80 20.93 -2.99 -14.72
C SER E 80 21.86 -4.07 -14.17
N SER E 81 23.04 -4.21 -14.80
CA SER E 81 24.11 -5.19 -14.46
C SER E 81 23.48 -6.58 -14.25
N LEU E 82 22.66 -7.02 -15.21
CA LEU E 82 21.83 -8.25 -15.11
C LEU E 82 22.72 -9.46 -14.80
N GLU E 83 22.26 -10.32 -13.88
CA GLU E 83 22.89 -11.62 -13.52
C GLU E 83 21.92 -12.75 -13.92
N LEU E 84 22.39 -14.00 -13.88
CA LEU E 84 21.59 -15.20 -14.25
C LEU E 84 20.41 -15.34 -13.28
N GLY E 85 20.61 -14.98 -12.00
CA GLY E 85 19.61 -15.07 -10.93
C GLY E 85 18.44 -14.11 -11.10
N ASP E 86 18.56 -13.13 -12.01
CA ASP E 86 17.50 -12.13 -12.32
C ASP E 86 16.45 -12.74 -13.26
N SER E 87 16.76 -13.88 -13.91
CA SER E 87 15.81 -14.66 -14.74
C SER E 87 14.55 -14.96 -13.90
N ALA E 88 13.41 -14.40 -14.29
CA ALA E 88 12.15 -14.46 -13.51
C ALA E 88 10.98 -13.90 -14.33
N LEU E 89 9.77 -14.07 -13.80
CA LEU E 89 8.52 -13.44 -14.31
C LEU E 89 8.27 -12.18 -13.49
N TYR E 90 8.31 -11.00 -14.12
CA TYR E 90 8.16 -9.68 -13.48
C TYR E 90 6.73 -9.18 -13.68
N PHE E 91 5.98 -9.08 -12.57
CA PHE E 91 4.54 -8.72 -12.54
C PHE E 91 4.37 -7.27 -12.10
N CYS E 92 3.52 -6.55 -12.83
CA CYS E 92 2.95 -5.24 -12.44
C CYS E 92 1.50 -5.47 -11.97
N ALA E 93 1.12 -4.88 -10.84
CA ALA E 93 -0.27 -4.87 -10.34
C ALA E 93 -0.67 -3.42 -10.06
N SER E 94 -1.90 -3.04 -10.39
CA SER E 94 -2.46 -1.68 -10.14
C SER E 94 -3.66 -1.78 -9.19
N SER E 95 -3.98 -0.67 -8.54
CA SER E 95 -5.10 -0.57 -7.56
C SER E 95 -5.83 0.76 -7.74
N PRO E 96 -7.17 0.78 -7.61
CA PRO E 96 -7.92 2.04 -7.66
C PRO E 96 -7.55 2.96 -6.48
N GLY E 97 -7.15 2.36 -5.35
CA GLY E 97 -6.66 3.07 -4.15
C GLY E 97 -5.21 2.72 -3.84
N GLY E 98 -4.89 2.51 -2.56
CA GLY E 98 -3.51 2.25 -2.08
C GLY E 98 -3.09 0.80 -2.32
N GLY E 99 -4.04 -0.10 -2.52
CA GLY E 99 -3.80 -1.53 -2.81
C GLY E 99 -3.82 -2.39 -1.55
N HIS E 100 -4.41 -1.89 -0.47
CA HIS E 100 -4.56 -2.62 0.83
C HIS E 100 -5.63 -3.71 0.69
N ASN E 101 -6.54 -3.59 -0.29
CA ASN E 101 -7.69 -4.50 -0.49
C ASN E 101 -7.61 -5.18 -1.86
N GLU E 102 -7.24 -4.43 -2.91
CA GLU E 102 -7.31 -4.91 -4.32
C GLU E 102 -5.97 -4.63 -5.03
N GLN E 103 -5.41 -5.64 -5.69
CA GLN E 103 -4.27 -5.50 -6.61
C GLN E 103 -4.56 -6.36 -7.84
N PHE E 104 -4.74 -5.71 -8.99
CA PHE E 104 -5.06 -6.34 -10.29
C PHE E 104 -3.75 -6.52 -11.06
N PHE E 105 -3.40 -7.77 -11.38
CA PHE E 105 -2.09 -8.16 -11.95
C PHE E 105 -2.13 -8.12 -13.47
N GLY E 106 -1.07 -7.58 -14.08
CA GLY E 106 -0.81 -7.69 -15.52
C GLY E 106 -0.42 -9.12 -15.90
N PRO E 107 -0.19 -9.41 -17.19
CA PRO E 107 0.14 -10.77 -17.63
C PRO E 107 1.61 -11.16 -17.36
N GLY E 108 2.43 -10.19 -16.93
CA GLY E 108 3.84 -10.38 -16.57
C GLY E 108 4.77 -10.24 -17.76
N THR E 109 6.03 -9.88 -17.51
CA THR E 109 7.16 -9.87 -18.48
C THR E 109 8.15 -10.95 -18.07
N ARG E 110 8.37 -11.96 -18.92
CA ARG E 110 9.32 -13.07 -18.66
C ARG E 110 10.72 -12.64 -19.15
N LEU E 111 11.68 -12.56 -18.23
CA LEU E 111 13.10 -12.20 -18.51
C LEU E 111 13.96 -13.45 -18.39
N THR E 112 14.79 -13.71 -19.41
CA THR E 112 15.84 -14.76 -19.42
C THR E 112 17.21 -14.09 -19.57
N VAL E 113 18.09 -14.26 -18.58
CA VAL E 113 19.50 -13.78 -18.60
C VAL E 113 20.42 -14.99 -18.82
N LEU E 114 21.28 -14.93 -19.85
CA LEU E 114 22.19 -16.03 -20.25
C LEU E 114 23.65 -15.52 -20.22
N GLU E 115 24.61 -16.45 -20.24
CA GLU E 115 26.06 -16.16 -20.29
C GLU E 115 26.36 -15.35 -21.58
N ASP E 116 25.94 -15.89 -22.72
CA ASP E 116 26.05 -15.25 -24.06
C ASP E 116 24.85 -15.67 -24.92
N LEU E 117 24.75 -15.15 -26.15
CA LEU E 117 23.61 -15.37 -27.07
C LEU E 117 24.02 -16.30 -28.21
N LYS E 118 25.08 -17.09 -28.04
CA LYS E 118 25.58 -18.08 -29.04
C LYS E 118 24.75 -19.37 -28.95
N ASN E 119 24.18 -19.64 -27.77
CA ASN E 119 23.47 -20.91 -27.42
C ASN E 119 22.03 -20.87 -27.92
N VAL E 120 21.46 -19.66 -28.12
CA VAL E 120 20.03 -19.47 -28.50
C VAL E 120 19.85 -19.82 -29.98
N PHE E 121 18.78 -20.55 -30.31
CA PHE E 121 18.41 -20.95 -31.69
C PHE E 121 16.89 -20.99 -31.81
N PRO E 122 16.33 -20.74 -33.02
CA PRO E 122 14.88 -20.81 -33.24
C PRO E 122 14.41 -22.25 -33.35
N PRO E 123 13.07 -22.51 -33.29
CA PRO E 123 12.55 -23.86 -33.40
C PRO E 123 12.45 -24.35 -34.86
N GLU E 124 12.70 -25.63 -35.08
CA GLU E 124 12.24 -26.38 -36.28
C GLU E 124 10.87 -26.97 -35.95
N VAL E 125 9.92 -26.86 -36.88
CA VAL E 125 8.49 -27.25 -36.67
C VAL E 125 8.10 -28.26 -37.75
N ALA E 126 7.34 -29.29 -37.37
CA ALA E 126 6.81 -30.35 -38.26
C ALA E 126 5.40 -30.73 -37.84
N VAL E 127 4.50 -30.92 -38.80
CA VAL E 127 3.11 -31.42 -38.60
C VAL E 127 3.07 -32.89 -39.03
N PHE E 128 2.73 -33.78 -38.09
CA PHE E 128 2.63 -35.24 -38.30
C PHE E 128 1.16 -35.61 -38.55
N GLU E 129 0.89 -36.35 -39.62
CA GLU E 129 -0.47 -36.63 -40.14
C GLU E 129 -1.11 -37.74 -39.30
N PRO E 130 -2.46 -37.74 -39.16
CA PRO E 130 -3.16 -38.73 -38.34
C PRO E 130 -2.95 -40.18 -38.82
N SER E 131 -2.87 -41.11 -37.86
CA SER E 131 -2.79 -42.58 -38.10
C SER E 131 -4.10 -43.07 -38.71
N GLU E 132 -4.02 -43.86 -39.78
CA GLU E 132 -5.20 -44.50 -40.44
C GLU E 132 -5.84 -45.51 -39.47
N ALA E 133 -5.02 -46.13 -38.62
CA ALA E 133 -5.45 -47.05 -37.54
C ALA E 133 -6.37 -46.32 -36.55
N GLU E 134 -6.04 -45.08 -36.20
CA GLU E 134 -6.86 -44.21 -35.31
C GLU E 134 -8.20 -43.89 -35.99
N ILE E 135 -8.15 -43.46 -37.25
CA ILE E 135 -9.34 -43.09 -38.07
C ILE E 135 -10.28 -44.30 -38.16
N SER E 136 -9.73 -45.49 -38.44
CA SER E 136 -10.48 -46.77 -38.57
C SER E 136 -11.17 -47.13 -37.25
N HIS E 137 -10.47 -46.95 -36.12
CA HIS E 137 -10.85 -47.47 -34.77
C HIS E 137 -11.82 -46.52 -34.07
N THR E 138 -11.62 -45.20 -34.20
CA THR E 138 -12.32 -44.15 -33.40
C THR E 138 -13.17 -43.22 -34.28
N GLN E 139 -12.93 -43.17 -35.59
CA GLN E 139 -13.47 -42.16 -36.54
C GLN E 139 -13.04 -40.76 -36.07
N LYS E 140 -11.82 -40.66 -35.52
CA LYS E 140 -11.18 -39.39 -35.08
C LYS E 140 -9.75 -39.35 -35.63
N ALA E 141 -9.25 -38.14 -35.91
CA ALA E 141 -7.94 -37.90 -36.56
C ALA E 141 -7.15 -36.85 -35.75
N THR E 142 -6.06 -37.28 -35.12
CA THR E 142 -5.18 -36.42 -34.27
C THR E 142 -3.94 -36.01 -35.07
N LEU E 143 -3.84 -34.72 -35.41
CA LEU E 143 -2.61 -34.09 -35.95
C LEU E 143 -1.68 -33.76 -34.78
N VAL E 144 -0.41 -34.19 -34.84
CA VAL E 144 0.62 -33.87 -33.82
C VAL E 144 1.61 -32.86 -34.44
N CYS E 145 1.80 -31.73 -33.77
CA CYS E 145 2.85 -30.71 -34.08
C CYS E 145 4.02 -30.89 -33.13
N LEU E 146 5.25 -30.73 -33.62
CA LEU E 146 6.50 -30.92 -32.83
C LEU E 146 7.48 -29.78 -33.16
N ALA E 147 7.67 -28.86 -32.21
CA ALA E 147 8.73 -27.82 -32.23
C ALA E 147 9.98 -28.41 -31.57
N THR E 148 11.15 -28.31 -32.23
CA THR E 148 12.43 -28.93 -31.78
C THR E 148 13.59 -27.96 -31.97
N GLY E 149 14.62 -28.09 -31.12
CA GLY E 149 15.93 -27.41 -31.25
C GLY E 149 15.84 -25.90 -31.06
N PHE E 150 15.04 -25.44 -30.09
CA PHE E 150 14.93 -24.00 -29.73
C PHE E 150 15.50 -23.78 -28.32
N TYR E 151 16.13 -22.61 -28.12
CA TYR E 151 16.69 -22.14 -26.83
C TYR E 151 16.67 -20.61 -26.81
N PRO E 152 16.24 -19.96 -25.71
CA PRO E 152 15.61 -20.62 -24.57
C PRO E 152 14.16 -21.03 -24.87
N ASP E 153 13.38 -21.38 -23.85
CA ASP E 153 12.05 -22.03 -23.97
C ASP E 153 10.93 -20.98 -24.06
N HIS E 154 11.17 -19.87 -24.75
CA HIS E 154 10.20 -18.76 -24.98
C HIS E 154 9.46 -18.99 -26.31
N VAL E 155 8.40 -19.79 -26.28
CA VAL E 155 7.60 -20.19 -27.49
C VAL E 155 6.11 -20.15 -27.15
N GLU E 156 5.29 -19.73 -28.12
CA GLU E 156 3.80 -19.78 -28.08
C GLU E 156 3.32 -20.55 -29.33
N LEU E 157 2.70 -21.71 -29.12
CA LEU E 157 2.20 -22.61 -30.19
C LEU E 157 0.69 -22.43 -30.36
N SER E 158 0.23 -22.29 -31.60
CA SER E 158 -1.20 -22.13 -31.96
C SER E 158 -1.52 -22.93 -33.24
N TRP E 159 -2.72 -23.50 -33.31
CA TRP E 159 -3.26 -24.24 -34.48
C TRP E 159 -4.15 -23.30 -35.29
N TRP E 160 -3.92 -23.21 -36.62
CA TRP E 160 -4.71 -22.39 -37.56
C TRP E 160 -5.35 -23.29 -38.62
N VAL E 161 -6.69 -23.36 -38.62
CA VAL E 161 -7.50 -24.18 -39.58
C VAL E 161 -8.21 -23.21 -40.54
N ASN E 162 -7.81 -23.24 -41.82
CA ASN E 162 -8.39 -22.42 -42.92
C ASN E 162 -8.27 -20.93 -42.58
N GLY E 163 -7.08 -20.51 -42.12
CA GLY E 163 -6.71 -19.09 -41.93
C GLY E 163 -7.20 -18.52 -40.61
N LYS E 164 -7.78 -19.35 -39.73
CA LYS E 164 -8.28 -18.93 -38.39
C LYS E 164 -7.71 -19.84 -37.30
N GLU E 165 -7.32 -19.25 -36.17
CA GLU E 165 -6.81 -19.98 -34.98
C GLU E 165 -7.97 -20.74 -34.31
N VAL E 166 -7.73 -21.98 -33.90
CA VAL E 166 -8.73 -22.87 -33.25
C VAL E 166 -8.24 -23.22 -31.84
N HIS E 167 -9.18 -23.49 -30.92
CA HIS E 167 -8.93 -23.95 -29.53
C HIS E 167 -9.65 -25.27 -29.26
N SER E 168 -10.80 -25.51 -29.90
CA SER E 168 -11.59 -26.75 -29.78
C SER E 168 -10.78 -27.93 -30.32
N GLY E 169 -10.58 -28.96 -29.49
CA GLY E 169 -9.88 -30.20 -29.85
C GLY E 169 -8.36 -30.04 -29.80
N VAL E 170 -7.88 -28.94 -29.22
CA VAL E 170 -6.42 -28.59 -29.13
C VAL E 170 -5.96 -28.77 -27.68
N CYS E 171 -4.72 -29.21 -27.50
CA CYS E 171 -4.01 -29.18 -26.19
C CYS E 171 -2.49 -29.27 -26.44
N THR E 172 -1.72 -28.45 -25.71
CA THR E 172 -0.25 -28.31 -25.86
C THR E 172 0.42 -28.70 -24.53
N ASP E 173 1.63 -29.27 -24.59
CA ASP E 173 2.44 -29.67 -23.40
C ASP E 173 2.50 -28.48 -22.45
N PRO E 174 2.40 -28.69 -21.12
CA PRO E 174 2.38 -27.58 -20.16
C PRO E 174 3.65 -26.71 -20.26
N GLN E 175 4.82 -27.36 -20.40
CA GLN E 175 6.11 -26.67 -20.65
C GLN E 175 6.96 -27.50 -21.60
N PRO E 176 7.92 -26.88 -22.33
CA PRO E 176 8.83 -27.62 -23.20
C PRO E 176 9.69 -28.68 -22.48
N LEU E 177 10.13 -29.69 -23.24
CA LEU E 177 11.00 -30.81 -22.79
C LEU E 177 12.45 -30.51 -23.21
N LYS E 178 13.43 -30.83 -22.36
CA LYS E 178 14.88 -30.65 -22.62
C LYS E 178 15.39 -31.82 -23.47
N GLU E 179 16.01 -31.52 -24.61
CA GLU E 179 16.56 -32.53 -25.57
C GLU E 179 17.85 -33.15 -25.00
N GLN E 180 18.56 -32.42 -24.13
CA GLN E 180 19.83 -32.85 -23.50
C GLN E 180 19.74 -32.64 -21.99
N PRO E 181 19.01 -33.50 -21.25
CA PRO E 181 18.83 -33.32 -19.80
C PRO E 181 20.14 -33.14 -19.02
N ALA E 182 21.26 -33.66 -19.56
CA ALA E 182 22.63 -33.53 -19.00
C ALA E 182 23.10 -32.07 -19.14
N LEU E 183 23.10 -31.53 -20.36
CA LEU E 183 23.56 -30.15 -20.69
C LEU E 183 22.65 -29.13 -19.97
N ASN E 184 23.24 -28.11 -19.34
CA ASN E 184 22.52 -27.04 -18.61
C ASN E 184 22.06 -25.97 -19.61
N ASP E 185 22.66 -25.94 -20.80
CA ASP E 185 22.28 -25.05 -21.94
C ASP E 185 21.52 -25.87 -22.98
N SER E 186 20.79 -26.90 -22.54
CA SER E 186 20.06 -27.86 -23.40
C SER E 186 18.98 -27.14 -24.22
N ARG E 187 18.91 -27.43 -25.52
CA ARG E 187 17.84 -26.94 -26.43
C ARG E 187 16.56 -27.71 -26.11
N TYR E 188 15.39 -27.11 -26.40
CA TYR E 188 14.06 -27.58 -25.94
C TYR E 188 13.24 -28.15 -27.11
N ALA E 189 12.24 -28.96 -26.77
CA ALA E 189 11.21 -29.48 -27.69
C ALA E 189 9.82 -29.29 -27.06
N LEU E 190 8.81 -29.00 -27.88
CA LEU E 190 7.40 -28.83 -27.45
C LEU E 190 6.48 -29.54 -28.47
N SER E 191 5.48 -30.27 -27.98
CA SER E 191 4.47 -30.98 -28.82
C SER E 191 3.07 -30.43 -28.51
N SER E 192 2.17 -30.52 -29.50
CA SER E 192 0.74 -30.13 -29.39
C SER E 192 -0.11 -31.08 -30.23
N ARG E 193 -1.36 -31.30 -29.80
CA ARG E 193 -2.34 -32.20 -30.46
C ARG E 193 -3.54 -31.36 -30.91
N LEU E 194 -3.92 -31.50 -32.19
CA LEU E 194 -5.22 -31.01 -32.75
C LEU E 194 -6.00 -32.22 -33.25
N ARG E 195 -7.13 -32.54 -32.60
CA ARG E 195 -8.00 -33.69 -32.95
C ARG E 195 -9.26 -33.18 -33.65
N VAL E 196 -9.57 -33.74 -34.83
CA VAL E 196 -10.78 -33.44 -35.64
C VAL E 196 -11.47 -34.76 -35.97
N SER E 197 -12.65 -34.71 -36.57
CA SER E 197 -13.40 -35.89 -37.08
C SER E 197 -12.62 -36.49 -38.27
N ALA E 198 -12.79 -37.79 -38.52
CA ALA E 198 -12.24 -38.51 -39.68
C ALA E 198 -12.68 -37.79 -40.97
N THR E 199 -13.94 -37.33 -41.01
CA THR E 199 -14.55 -36.60 -42.15
C THR E 199 -13.78 -35.31 -42.44
N PHE E 200 -13.49 -34.53 -41.39
CA PHE E 200 -12.89 -33.17 -41.50
C PHE E 200 -11.46 -33.27 -42.04
N TRP E 201 -10.68 -34.26 -41.58
CA TRP E 201 -9.31 -34.53 -42.08
C TRP E 201 -9.36 -34.99 -43.54
N GLN E 202 -10.29 -35.89 -43.86
CA GLN E 202 -10.38 -36.59 -45.18
C GLN E 202 -10.74 -35.59 -46.29
N ASP E 203 -11.37 -34.46 -45.94
CA ASP E 203 -11.72 -33.36 -46.88
C ASP E 203 -10.45 -32.58 -47.24
N PRO E 204 -9.98 -32.64 -48.51
CA PRO E 204 -8.78 -31.90 -48.94
C PRO E 204 -8.99 -30.38 -49.11
N ARG E 205 -10.19 -29.87 -48.80
CA ARG E 205 -10.51 -28.42 -48.81
C ARG E 205 -10.09 -27.78 -47.48
N ASN E 206 -9.73 -28.60 -46.49
CA ASN E 206 -9.34 -28.15 -45.13
C ASN E 206 -7.81 -28.03 -45.05
N HIS E 207 -7.32 -26.90 -44.52
CA HIS E 207 -5.88 -26.57 -44.37
C HIS E 207 -5.53 -26.44 -42.88
N PHE E 208 -4.55 -27.22 -42.41
CA PHE E 208 -4.05 -27.23 -41.02
C PHE E 208 -2.64 -26.63 -40.98
N ARG E 209 -2.41 -25.66 -40.08
CA ARG E 209 -1.09 -24.99 -39.89
C ARG E 209 -0.80 -24.86 -38.40
N CYS E 210 0.31 -25.46 -37.95
CA CYS E 210 0.88 -25.29 -36.59
C CYS E 210 1.83 -24.08 -36.60
N GLN E 211 1.44 -23.00 -35.92
CA GLN E 211 2.22 -21.74 -35.80
C GLN E 211 2.95 -21.72 -34.46
N VAL E 212 4.27 -21.51 -34.48
CA VAL E 212 5.13 -21.41 -33.27
C VAL E 212 5.80 -20.02 -33.26
N GLN E 213 5.29 -19.11 -32.43
CA GLN E 213 5.91 -17.79 -32.17
C GLN E 213 7.11 -17.99 -31.24
N PHE E 214 8.33 -17.77 -31.74
CA PHE E 214 9.59 -17.85 -30.97
C PHE E 214 10.05 -16.43 -30.62
N TYR E 215 10.50 -16.22 -29.38
CA TYR E 215 11.04 -14.94 -28.88
C TYR E 215 12.55 -15.09 -28.65
N GLY E 216 13.36 -14.41 -29.47
CA GLY E 216 14.83 -14.46 -29.44
C GLY E 216 15.43 -13.06 -29.26
N LEU E 217 16.14 -12.57 -30.27
CA LEU E 217 16.88 -11.27 -30.24
C LEU E 217 16.19 -10.27 -31.18
N ASN E 220 17.17 -5.33 -32.54
CA ASN E 220 18.46 -4.59 -32.45
C ASN E 220 19.37 -5.29 -31.42
N ASP E 221 20.11 -6.30 -31.86
CA ASP E 221 21.08 -7.08 -31.03
C ASP E 221 22.31 -7.42 -31.88
N GLU E 222 23.35 -7.98 -31.26
CA GLU E 222 24.69 -8.20 -31.87
C GLU E 222 24.75 -9.59 -32.53
N TRP E 223 25.35 -9.68 -33.71
CA TRP E 223 25.64 -10.95 -34.44
C TRP E 223 26.67 -10.70 -35.54
N ASP E 226 27.63 -16.76 -36.79
CA ASP E 226 27.53 -16.45 -38.25
C ASP E 226 26.37 -17.24 -38.87
N ARG E 227 26.15 -18.49 -38.44
CA ARG E 227 25.07 -19.38 -38.90
C ARG E 227 23.72 -18.85 -38.42
N ALA E 228 22.91 -18.28 -39.33
CA ALA E 228 21.55 -17.76 -39.10
C ALA E 228 21.59 -16.53 -38.18
N LYS E 229 20.43 -16.06 -37.73
CA LYS E 229 20.27 -14.90 -36.82
C LYS E 229 19.01 -15.11 -35.98
N PRO E 230 19.12 -15.80 -34.81
CA PRO E 230 17.96 -16.19 -34.01
C PRO E 230 17.13 -15.01 -33.47
N VAL E 231 16.39 -14.33 -34.36
CA VAL E 231 15.52 -13.16 -34.04
C VAL E 231 14.12 -13.69 -33.68
N THR E 232 13.32 -12.88 -32.98
CA THR E 232 11.88 -13.13 -32.68
C THR E 232 11.15 -13.34 -34.01
N GLN E 233 10.71 -14.57 -34.29
CA GLN E 233 10.14 -14.98 -35.60
C GLN E 233 9.03 -16.02 -35.41
N ILE E 234 8.20 -16.21 -36.44
CA ILE E 234 7.13 -17.25 -36.52
C ILE E 234 7.62 -18.36 -37.46
N VAL E 235 7.80 -19.58 -36.93
CA VAL E 235 8.11 -20.80 -37.72
C VAL E 235 6.84 -21.66 -37.76
N SER E 236 6.34 -21.97 -38.96
CA SER E 236 5.10 -22.74 -39.21
C SER E 236 5.38 -23.96 -40.08
N ALA E 237 4.69 -25.06 -39.82
CA ALA E 237 4.61 -26.28 -40.67
C ALA E 237 3.14 -26.53 -41.03
N GLU E 238 2.88 -27.11 -42.21
CA GLU E 238 1.53 -27.25 -42.81
C GLU E 238 1.29 -28.71 -43.21
N ALA E 239 0.01 -29.11 -43.24
CA ALA E 239 -0.47 -30.42 -43.73
C ALA E 239 -1.93 -30.29 -44.18
N TRP E 240 -2.18 -30.37 -45.48
CA TRP E 240 -3.54 -30.37 -46.09
C TRP E 240 -4.22 -31.71 -45.82
N GLY E 241 -5.55 -31.73 -45.77
CA GLY E 241 -6.37 -32.95 -45.66
C GLY E 241 -6.20 -33.84 -46.88
N ARG E 242 -6.35 -35.16 -46.70
CA ARG E 242 -6.23 -36.19 -47.77
C ARG E 242 -7.25 -37.30 -47.54
N ALA E 243 -7.91 -37.77 -48.61
CA ALA E 243 -8.84 -38.93 -48.60
C ALA E 243 -8.04 -40.23 -48.45
N ASP E 244 -6.76 -40.22 -48.83
CA ASP E 244 -5.82 -41.37 -48.79
C ASP E 244 -5.84 -41.99 -47.38
C1 EDO F . 5.54 36.83 32.37
O1 EDO F . 5.55 36.15 33.61
C2 EDO F . 4.35 36.52 31.55
O2 EDO F . 4.44 37.04 30.23
#